data_8K0F
#
_entry.id   8K0F
#
_cell.length_a   1.00
_cell.length_b   1.00
_cell.length_c   1.00
_cell.angle_alpha   90.00
_cell.angle_beta   90.00
_cell.angle_gamma   90.00
#
_symmetry.space_group_name_H-M   'P 1'
#
loop_
_entity.id
_entity.type
_entity.pdbx_description
1 polymer 'Prolyl 3-hydroxylase 1'
2 polymer 'Cartilage-associated protein'
3 polymer 'Peptidyl-prolyl cis-trans isomerase B'
4 non-polymer 2-acetamido-2-deoxy-beta-D-glucopyranose
5 non-polymer 'FE (III) ION'
#
loop_
_entity_poly.entity_id
_entity_poly.type
_entity_poly.pdbx_seq_one_letter_code
_entity_poly.pdbx_strand_id
1 'polypeptide(L)'
;MAVRALKLLTTLLAVVAAASQAEVESEAGWGMVTPDLLFAEGTAAYARGDWPGVVLSMERALRSRAALRALRLRCRTQCA
ADFPWELDPDWSPSPAQASGAAALRDLSFFGGLLRRAACLRRCLGPPAAHSLSEEMELEFRKRSPYNYLQVAYFKINKLE
KAVAAAHTFFVGNPEHMEMQQNLDYYQTMSGVKEADFKDLETQPHMQEFRLGVRLYSEEQPQEAVPHLEAALQEYFVAYE
ECRALCEGPYDYDGYNYLEYNADLFQAITDHYIQVLNCKQNCVTELASHPSREKPFEDFLPSHYNYLQFAYYNIGNYTQA
VECAKTYLLFFPNDEVMNQNLAYYAAMLGEEHTRSIGPRESAKEYRQRSLLEKELLFFAYDVFGIPFVDPDSWTPEEVIP
KRLQEKQKSERETAVRISQEIGNLMKEIETLVEEKTKESLDVSRLTREGGPLLYEGISLTMNSKLLNGSQRVVMDGVISD
HECQELQRLTNVAATSGDGYRGQTSPHTPNEKFYGVTVFKALKLGQEGKVPLQSAHLYYNVTEKVRRIMESYFRLDTPLY
FSYSHLVCRTAIEEVQAERKDDSHPVHVDNCILNAETLVCVKEPPAYTFRDYSAILYLNGDFDGGNFYFTELDAKTVTAE
VQPQCGRAVGFSSGTENPHGVKAVTRGQRCAIALWFTLDPRHSERDRVQADDLVKMLFSPEEMDLSQEQPLDAQQGPPEP
AQESLSGSESKPKDEL
;
A
2 'polypeptide(L)'
;MEPGRRGAAALLALLCVACALRAGRAQYERYSFRSFPRDELMPLESAYRHALDKYSGEHWAESVGYLEISLRLHRLLRDS
EAFCHRNCSAAPQPEPAAGLASYPELRLFGGLLRRAHCLKRCKQGLPAFRQSQPSREVLADFQRREPYKFLQFAYFKANN
LPKAIAAAHTFLLKHPDDEMMKRNMAYYKSLPGAEDYIKDLETKSYESLFIRAVRAYNGENWRTSITDMELALPDFFKAF
YECLAACEGSREIKDFKDFYLSIADHYVEVLECKIQCEENLTPVIGGYPVEKFVATMYHYLQFAYYKLNDLKNAAPCAVS
YLLFDQNDKVMQQNLVYYQYHRDTWGLSDEHFQPRPEAVQFFNVTTLQKELYDFAKENIMDDDEGEVVEYVDDLLELEET
SAAALEVLFQGPSAWSHPQFEKGGGSGGGSGGSAWSHPQFEK
;
B
3 'polypeptide(L)'
;MLRLSERNMKVLLAAALIAGSVFFLLLPGPSAADEKKKGPKVTVKVYFDLRIGDEDVGRVIFGLFGKTVPKTVDNFVALA
TGEKGFGYKNSKFHRVIKDFMIQGGDFTRGDGTGGKSIYGERFPDENFKLKHYGPGWVSMANAGKDTNGSQFFITTVKTA
WLDGKHVVFGKVLEGMEVVRKVESTKTDSRDKPLKDVIIADCGKIEVEKPFAIAKEAAAENLYFQGDYKDHDGDYKDHDI
DYKDDDDKHHHHHHHH
;
C
#
loop_
_chem_comp.id
_chem_comp.type
_chem_comp.name
_chem_comp.formula
FE non-polymer 'FE (III) ION' 'Fe 3'
NAG D-saccharide, beta linking 2-acetamido-2-deoxy-beta-D-glucopyranose 'C8 H15 N O6'
#
# COMPACT_ATOMS: atom_id res chain seq x y z
N GLY A 31 0.76 -0.55 31.51
CA GLY A 31 -0.08 -0.62 30.32
C GLY A 31 -0.50 -2.03 29.97
N MET A 32 -1.51 -2.15 29.12
CA MET A 32 -2.00 -3.46 28.69
C MET A 32 -0.95 -4.13 27.81
N VAL A 33 -0.31 -5.18 28.35
CA VAL A 33 0.71 -5.90 27.60
C VAL A 33 0.08 -6.66 26.45
N THR A 34 0.85 -6.85 25.37
CA THR A 34 0.33 -7.47 24.17
C THR A 34 0.07 -8.96 24.40
N PRO A 35 -0.86 -9.55 23.64
CA PRO A 35 -1.16 -10.98 23.83
C PRO A 35 0.01 -11.90 23.52
N ASP A 36 0.86 -11.55 22.56
CA ASP A 36 1.88 -12.49 22.11
C ASP A 36 2.97 -12.69 23.15
N LEU A 37 3.32 -11.64 23.89
CA LEU A 37 4.32 -11.77 24.95
C LEU A 37 3.82 -12.70 26.05
N LEU A 38 2.56 -12.52 26.46
CA LEU A 38 1.97 -13.41 27.46
C LEU A 38 1.86 -14.84 26.94
N PHE A 39 1.53 -14.99 25.64
CA PHE A 39 1.45 -16.32 25.06
C PHE A 39 2.80 -17.01 25.07
N ALA A 40 3.86 -16.27 24.74
CA ALA A 40 5.21 -16.85 24.77
C ALA A 40 5.60 -17.24 26.19
N GLU A 41 5.31 -16.38 27.18
CA GLU A 41 5.61 -16.71 28.56
C GLU A 41 4.84 -17.95 29.02
N GLY A 42 3.57 -18.04 28.63
CA GLY A 42 2.78 -19.21 29.00
C GLY A 42 3.28 -20.49 28.35
N THR A 43 3.69 -20.40 27.08
CA THR A 43 4.26 -21.56 26.41
C THR A 43 5.55 -22.01 27.10
N ALA A 44 6.41 -21.06 27.48
CA ALA A 44 7.63 -21.42 28.18
C ALA A 44 7.34 -22.06 29.53
N ALA A 45 6.36 -21.51 30.26
CA ALA A 45 5.98 -22.10 31.56
C ALA A 45 5.41 -23.50 31.37
N TYR A 46 4.62 -23.71 30.32
CA TYR A 46 4.11 -25.03 30.02
C TYR A 46 5.24 -26.01 29.71
N ALA A 47 6.24 -25.54 28.96
CA ALA A 47 7.40 -26.39 28.65
C ALA A 47 8.16 -26.76 29.91
N ARG A 48 8.35 -25.80 30.82
CA ARG A 48 9.07 -26.10 32.05
C ARG A 48 8.27 -26.98 32.99
N GLY A 49 6.95 -26.76 33.06
CA GLY A 49 6.09 -27.59 33.88
C GLY A 49 5.50 -26.88 35.08
N ASP A 50 5.21 -25.59 34.94
CA ASP A 50 4.62 -24.78 36.00
C ASP A 50 3.17 -24.49 35.63
N TRP A 51 2.27 -25.36 36.09
CA TRP A 51 0.85 -25.22 35.74
C TRP A 51 0.24 -23.90 36.18
N PRO A 52 0.46 -23.40 37.40
CA PRO A 52 -0.06 -22.06 37.74
C PRO A 52 0.43 -20.98 36.78
N GLY A 53 1.69 -21.05 36.36
CA GLY A 53 2.21 -20.06 35.44
C GLY A 53 1.48 -20.08 34.11
N VAL A 54 1.27 -21.28 33.55
CA VAL A 54 0.65 -21.35 32.23
C VAL A 54 -0.82 -20.92 32.31
N VAL A 55 -1.54 -21.33 33.36
CA VAL A 55 -2.94 -20.90 33.44
C VAL A 55 -3.03 -19.39 33.60
N LEU A 56 -2.18 -18.82 34.47
CA LEU A 56 -2.19 -17.37 34.68
C LEU A 56 -1.91 -16.63 33.37
N SER A 57 -0.82 -17.00 32.69
CA SER A 57 -0.43 -16.28 31.49
C SER A 57 -1.46 -16.44 30.37
N MET A 58 -2.00 -17.65 30.22
CA MET A 58 -2.98 -17.88 29.16
C MET A 58 -4.25 -17.07 29.40
N GLU A 59 -4.73 -17.03 30.66
CA GLU A 59 -5.91 -16.25 30.97
C GLU A 59 -5.66 -14.76 30.75
N ARG A 60 -4.47 -14.27 31.13
CA ARG A 60 -4.15 -12.87 30.91
C ARG A 60 -4.13 -12.53 29.42
N ALA A 61 -3.55 -13.41 28.60
CA ALA A 61 -3.54 -13.17 27.16
C ALA A 61 -4.95 -13.14 26.58
N LEU A 62 -5.78 -14.09 27.00
CA LEU A 62 -7.15 -14.15 26.49
C LEU A 62 -7.93 -12.89 26.87
N ARG A 63 -7.74 -12.39 28.09
CA ARG A 63 -8.41 -11.16 28.49
C ARG A 63 -7.88 -9.96 27.71
N SER A 64 -6.57 -9.89 27.51
CA SER A 64 -5.97 -8.71 26.90
C SER A 64 -6.38 -8.57 25.43
N ARG A 65 -6.46 -9.68 24.70
CA ARG A 65 -6.85 -9.59 23.29
C ARG A 65 -8.25 -8.99 23.16
N ALA A 66 -9.20 -9.49 23.94
CA ALA A 66 -10.56 -8.98 23.88
C ALA A 66 -10.64 -7.54 24.34
N ALA A 67 -9.88 -7.17 25.38
CA ALA A 67 -9.91 -5.79 25.85
C ALA A 67 -9.39 -4.83 24.78
N LEU A 68 -8.31 -5.22 24.10
CA LEU A 68 -7.76 -4.36 23.04
C LEU A 68 -8.75 -4.21 21.88
N ARG A 69 -9.37 -5.33 21.47
CA ARG A 69 -10.35 -5.25 20.39
C ARG A 69 -11.53 -4.38 20.78
N ALA A 70 -12.00 -4.50 22.02
CA ALA A 70 -13.12 -3.69 22.48
C ALA A 70 -12.75 -2.20 22.51
N LEU A 71 -11.53 -1.88 22.92
CA LEU A 71 -11.10 -0.48 22.92
C LEU A 71 -11.09 0.09 21.50
N ARG A 72 -10.51 -0.66 20.56
CA ARG A 72 -10.48 -0.20 19.17
C ARG A 72 -11.89 0.07 18.66
N LEU A 73 -12.77 -0.93 18.80
CA LEU A 73 -14.15 -0.78 18.32
C LEU A 73 -14.81 0.42 18.98
N ARG A 74 -14.69 0.51 20.31
CA ARG A 74 -15.40 1.55 21.07
C ARG A 74 -15.04 2.94 20.56
N CYS A 75 -13.74 3.25 20.51
CA CYS A 75 -13.47 4.66 20.22
C CYS A 75 -13.49 4.96 18.73
N ARG A 76 -13.16 3.98 17.88
CA ARG A 76 -13.38 4.17 16.45
C ARG A 76 -14.82 4.54 16.17
N THR A 77 -15.77 3.75 16.69
CA THR A 77 -17.17 4.08 16.49
C THR A 77 -17.53 5.42 17.13
N GLN A 78 -17.06 5.66 18.35
CA GLN A 78 -17.54 6.82 19.10
C GLN A 78 -17.15 8.13 18.42
N CYS A 79 -15.92 8.24 17.90
CA CYS A 79 -15.60 9.51 17.25
C CYS A 79 -15.46 9.35 15.73
N ALA A 80 -16.00 8.28 15.17
CA ALA A 80 -16.52 8.37 13.81
C ALA A 80 -17.93 8.94 13.81
N ALA A 81 -18.69 8.66 14.87
CA ALA A 81 -20.01 9.26 15.03
C ALA A 81 -19.92 10.68 15.61
N ASP A 82 -18.84 11.02 16.32
CA ASP A 82 -18.71 12.36 16.85
C ASP A 82 -18.60 13.39 15.74
N PHE A 83 -17.79 13.11 14.72
CA PHE A 83 -17.57 14.04 13.60
C PHE A 83 -18.23 13.52 12.34
N PRO A 84 -19.39 14.04 11.95
CA PRO A 84 -20.02 13.60 10.70
C PRO A 84 -19.33 14.22 9.49
N TRP A 85 -19.65 13.67 8.33
CA TRP A 85 -19.07 14.14 7.08
C TRP A 85 -19.73 15.40 6.55
N GLU A 86 -20.90 15.77 7.08
CA GLU A 86 -21.56 17.04 6.78
C GLU A 86 -22.02 17.14 5.34
N LEU A 87 -21.08 17.38 4.42
CA LEU A 87 -21.34 17.62 3.00
C LEU A 87 -22.04 18.97 2.81
N ASP A 88 -21.73 19.68 1.73
CA ASP A 88 -22.23 21.03 1.49
C ASP A 88 -23.01 21.07 0.19
N PRO A 89 -24.33 20.89 0.25
CA PRO A 89 -25.15 21.02 -0.96
C PRO A 89 -25.52 22.46 -1.26
N ASP A 90 -25.58 23.30 -0.22
CA ASP A 90 -25.90 24.70 -0.40
C ASP A 90 -24.81 25.43 -1.17
N TRP A 91 -23.55 25.10 -0.90
CA TRP A 91 -22.42 25.73 -1.57
C TRP A 91 -22.41 25.34 -3.04
N SER A 92 -22.77 26.27 -3.92
CA SER A 92 -22.74 26.04 -5.35
C SER A 92 -21.44 26.58 -5.92
N PRO A 93 -20.61 25.73 -6.53
CA PRO A 93 -19.30 26.21 -7.03
C PRO A 93 -19.47 27.29 -8.08
N SER A 94 -18.53 28.24 -8.09
CA SER A 94 -18.57 29.33 -9.05
C SER A 94 -18.29 28.80 -10.45
N PRO A 95 -19.14 29.10 -11.44
CA PRO A 95 -18.86 28.60 -12.80
C PRO A 95 -17.60 29.18 -13.42
N ALA A 96 -17.45 30.51 -13.41
CA ALA A 96 -16.29 31.12 -14.04
C ALA A 96 -15.00 30.78 -13.30
N GLN A 97 -15.01 30.88 -11.97
CA GLN A 97 -13.82 30.61 -11.17
C GLN A 97 -13.84 29.15 -10.70
N ALA A 98 -13.53 28.27 -11.64
CA ALA A 98 -13.55 26.84 -11.36
C ALA A 98 -12.41 26.43 -10.43
N SER A 99 -11.23 27.03 -10.60
CA SER A 99 -10.06 26.60 -9.84
C SER A 99 -10.23 26.90 -8.35
N GLY A 100 -10.71 28.09 -8.02
CA GLY A 100 -10.93 28.43 -6.63
C GLY A 100 -12.01 27.57 -5.98
N ALA A 101 -13.08 27.30 -6.72
CA ALA A 101 -14.14 26.44 -6.21
C ALA A 101 -13.61 25.04 -5.93
N ALA A 102 -12.79 24.50 -6.85
CA ALA A 102 -12.20 23.19 -6.62
C ALA A 102 -11.29 23.20 -5.41
N ALA A 103 -10.49 24.26 -5.25
CA ALA A 103 -9.58 24.35 -4.11
C ALA A 103 -10.35 24.37 -2.79
N LEU A 104 -11.42 25.16 -2.71
CA LEU A 104 -12.22 25.22 -1.49
C LEU A 104 -12.91 23.88 -1.22
N ARG A 105 -13.43 23.24 -2.27
CA ARG A 105 -14.10 21.96 -2.10
C ARG A 105 -13.14 20.90 -1.60
N ASP A 106 -11.88 20.97 -2.02
CA ASP A 106 -10.87 20.04 -1.50
C ASP A 106 -10.51 20.38 -0.06
N LEU A 107 -10.39 21.68 0.24
CA LEU A 107 -9.92 22.11 1.56
C LEU A 107 -10.91 21.71 2.65
N SER A 108 -12.22 21.86 2.39
CA SER A 108 -13.20 21.50 3.41
C SER A 108 -13.12 20.01 3.75
N PHE A 109 -13.05 19.16 2.72
CA PHE A 109 -12.98 17.72 2.94
C PHE A 109 -11.71 17.34 3.69
N PHE A 110 -10.58 17.93 3.32
CA PHE A 110 -9.34 17.56 4.01
C PHE A 110 -9.30 18.11 5.43
N GLY A 111 -9.98 19.23 5.70
CA GLY A 111 -10.09 19.69 7.07
C GLY A 111 -10.90 18.74 7.95
N GLY A 112 -12.04 18.27 7.42
CA GLY A 112 -12.79 17.26 8.16
C GLY A 112 -11.99 15.99 8.39
N LEU A 113 -11.25 15.56 7.37
CA LEU A 113 -10.40 14.38 7.51
C LEU A 113 -9.34 14.58 8.59
N LEU A 114 -8.73 15.76 8.63
CA LEU A 114 -7.71 16.03 9.65
C LEU A 114 -8.32 16.03 11.04
N ARG A 115 -9.53 16.56 11.20
CA ARG A 115 -10.19 16.53 12.50
C ARG A 115 -10.43 15.10 12.96
N ARG A 116 -10.95 14.25 12.06
CA ARG A 116 -11.17 12.85 12.44
C ARG A 116 -9.87 12.15 12.80
N ALA A 117 -8.82 12.38 12.01
CA ALA A 117 -7.54 11.74 12.30
C ALA A 117 -6.97 12.20 13.63
N ALA A 118 -7.13 13.49 13.95
CA ALA A 118 -6.67 14.00 15.23
C ALA A 118 -7.41 13.32 16.37
N CYS A 119 -8.73 13.13 16.24
CA CYS A 119 -9.46 12.44 17.29
C CYS A 119 -8.97 11.01 17.47
N LEU A 120 -8.76 10.29 16.35
CA LEU A 120 -8.31 8.91 16.44
C LEU A 120 -6.94 8.82 17.11
N ARG A 121 -6.03 9.73 16.74
CA ARG A 121 -4.73 9.79 17.42
C ARG A 121 -4.87 10.07 18.90
N ARG A 122 -5.80 10.95 19.27
CA ARG A 122 -6.02 11.23 20.69
C ARG A 122 -6.51 9.99 21.43
N CYS A 123 -7.41 9.22 20.82
CA CYS A 123 -7.93 8.02 21.49
C CYS A 123 -6.89 6.93 21.59
N LEU A 124 -6.44 6.41 20.44
CA LEU A 124 -5.83 5.09 20.40
C LEU A 124 -4.54 5.02 21.20
N GLY A 125 -3.82 6.13 21.34
CA GLY A 125 -2.59 6.15 22.08
C GLY A 125 -1.48 5.39 21.39
N PRO A 126 -0.85 4.47 22.09
CA PRO A 126 0.23 3.67 21.49
C PRO A 126 -0.27 2.86 20.32
N PRO A 127 0.27 3.10 19.12
CA PRO A 127 -0.16 2.32 17.95
C PRO A 127 0.54 0.97 17.80
N ALA A 128 1.57 0.70 18.59
CA ALA A 128 2.34 -0.53 18.44
C ALA A 128 1.74 -1.70 19.21
N ALA A 129 0.76 -1.46 20.08
CA ALA A 129 0.16 -2.53 20.86
C ALA A 129 -0.91 -3.29 20.09
N HIS A 130 -1.40 -2.75 18.98
CA HIS A 130 -2.51 -3.34 18.25
C HIS A 130 -2.09 -4.26 17.12
N SER A 131 -0.79 -4.38 16.84
CA SER A 131 -0.30 -5.13 15.70
C SER A 131 0.51 -6.33 16.17
N LEU A 132 0.23 -7.49 15.60
CA LEU A 132 0.94 -8.72 15.92
C LEU A 132 1.04 -9.58 14.67
N SER A 133 1.95 -10.55 14.70
CA SER A 133 2.31 -11.31 13.51
C SER A 133 1.15 -12.18 13.06
N GLU A 134 1.32 -12.78 11.87
CA GLU A 134 0.29 -13.64 11.31
C GLU A 134 0.21 -14.98 12.03
N GLU A 135 1.35 -15.50 12.49
CA GLU A 135 1.34 -16.76 13.22
C GLU A 135 0.56 -16.63 14.53
N MET A 136 0.67 -15.48 15.19
CA MET A 136 -0.06 -15.29 16.45
C MET A 136 -1.57 -15.26 16.21
N GLU A 137 -2.01 -14.57 15.17
CA GLU A 137 -3.43 -14.59 14.81
C GLU A 137 -3.87 -16.00 14.44
N LEU A 138 -2.99 -16.76 13.80
CA LEU A 138 -3.31 -18.15 13.45
C LEU A 138 -3.51 -19.00 14.70
N GLU A 139 -2.60 -18.88 15.67
CA GLU A 139 -2.71 -19.69 16.89
C GLU A 139 -3.86 -19.21 17.76
N PHE A 140 -4.30 -17.96 17.60
CA PHE A 140 -5.50 -17.52 18.29
C PHE A 140 -6.77 -17.97 17.57
N ARG A 141 -6.69 -18.20 16.25
CA ARG A 141 -7.83 -18.75 15.53
C ARG A 141 -8.00 -20.23 15.80
N LYS A 142 -6.88 -20.96 15.96
CA LYS A 142 -6.94 -22.40 16.19
C LYS A 142 -7.25 -22.77 17.63
N ARG A 143 -7.28 -21.81 18.55
CA ARG A 143 -7.67 -22.02 19.95
C ARG A 143 -6.68 -22.92 20.68
N SER A 144 -5.38 -22.70 20.46
CA SER A 144 -4.36 -23.39 21.22
C SER A 144 -4.36 -23.04 22.71
N PRO A 145 -4.52 -21.77 23.13
CA PRO A 145 -4.54 -21.47 24.56
C PRO A 145 -5.58 -22.26 25.33
N TYR A 146 -6.69 -22.64 24.69
CA TYR A 146 -7.66 -23.48 25.38
C TYR A 146 -7.14 -24.91 25.57
N ASN A 147 -6.33 -25.41 24.63
CA ASN A 147 -5.69 -26.70 24.83
C ASN A 147 -4.73 -26.63 26.03
N TYR A 148 -3.88 -25.61 26.07
CA TYR A 148 -2.97 -25.46 27.20
C TYR A 148 -3.75 -25.31 28.51
N LEU A 149 -4.82 -24.52 28.49
CA LEU A 149 -5.61 -24.28 29.69
C LEU A 149 -6.28 -25.55 30.17
N GLN A 150 -6.82 -26.37 29.27
CA GLN A 150 -7.46 -27.61 29.71
C GLN A 150 -6.43 -28.57 30.28
N VAL A 151 -5.25 -28.64 29.69
CA VAL A 151 -4.20 -29.50 30.27
C VAL A 151 -3.85 -29.02 31.67
N ALA A 152 -3.65 -27.71 31.83
CA ALA A 152 -3.29 -27.17 33.14
C ALA A 152 -4.39 -27.39 34.17
N TYR A 153 -5.65 -27.15 33.77
CA TYR A 153 -6.76 -27.30 34.70
C TYR A 153 -6.94 -28.76 35.12
N PHE A 154 -6.73 -29.71 34.20
CA PHE A 154 -6.76 -31.10 34.60
C PHE A 154 -5.62 -31.41 35.58
N LYS A 155 -4.44 -30.86 35.32
CA LYS A 155 -3.31 -31.08 36.24
C LYS A 155 -3.51 -30.40 37.59
N ILE A 156 -4.41 -29.41 37.67
CA ILE A 156 -4.64 -28.67 38.90
C ILE A 156 -5.84 -29.19 39.69
N ASN A 157 -6.66 -30.06 39.08
CA ASN A 157 -7.91 -30.55 39.65
C ASN A 157 -8.92 -29.41 39.83
N LYS A 158 -9.25 -28.78 38.71
CA LYS A 158 -10.33 -27.81 38.57
C LYS A 158 -11.20 -28.21 37.38
N LEU A 159 -11.67 -29.46 37.40
CA LEU A 159 -12.13 -30.15 36.19
C LEU A 159 -13.30 -29.48 35.51
N GLU A 160 -14.05 -28.62 36.19
CA GLU A 160 -15.15 -27.92 35.52
C GLU A 160 -14.62 -27.00 34.42
N LYS A 161 -13.64 -26.17 34.75
CA LYS A 161 -13.00 -25.35 33.74
C LYS A 161 -12.27 -26.21 32.73
N ALA A 162 -11.79 -27.38 33.14
CA ALA A 162 -11.12 -28.28 32.21
C ALA A 162 -12.07 -28.77 31.13
N VAL A 163 -13.28 -29.20 31.52
CA VAL A 163 -14.23 -29.66 30.53
C VAL A 163 -14.73 -28.50 29.69
N ALA A 164 -14.89 -27.31 30.27
CA ALA A 164 -15.28 -26.15 29.48
C ALA A 164 -14.25 -25.87 28.39
N ALA A 165 -12.97 -25.82 28.75
CA ALA A 165 -11.92 -25.55 27.78
C ALA A 165 -11.82 -26.67 26.75
N ALA A 166 -11.95 -27.92 27.19
CA ALA A 166 -11.89 -29.05 26.26
C ALA A 166 -13.02 -28.99 25.23
N HIS A 167 -14.23 -28.66 25.69
CA HIS A 167 -15.35 -28.53 24.76
C HIS A 167 -15.13 -27.37 23.80
N THR A 168 -14.60 -26.24 24.30
CA THR A 168 -14.31 -25.12 23.41
C THR A 168 -13.31 -25.50 22.34
N PHE A 169 -12.23 -26.19 22.72
CA PHE A 169 -11.23 -26.59 21.76
C PHE A 169 -11.78 -27.60 20.76
N PHE A 170 -12.58 -28.56 21.24
CA PHE A 170 -13.15 -29.56 20.34
C PHE A 170 -14.10 -28.93 19.35
N VAL A 171 -14.91 -27.97 19.79
CA VAL A 171 -15.77 -27.23 18.87
C VAL A 171 -14.93 -26.47 17.85
N GLY A 172 -13.82 -25.88 18.31
CA GLY A 172 -12.94 -25.18 17.38
C GLY A 172 -12.31 -26.11 16.36
N ASN A 173 -11.83 -27.26 16.79
CA ASN A 173 -11.20 -28.25 15.92
C ASN A 173 -11.96 -29.57 15.98
N PRO A 174 -12.79 -29.87 14.98
CA PRO A 174 -13.66 -31.06 15.06
C PRO A 174 -13.03 -32.37 14.59
N GLU A 175 -11.80 -32.36 14.11
CA GLU A 175 -11.12 -33.56 13.63
C GLU A 175 -10.03 -34.02 14.59
N HIS A 176 -10.25 -33.88 15.89
CA HIS A 176 -9.26 -34.21 16.90
C HIS A 176 -9.80 -35.39 17.73
N MET A 177 -9.13 -36.54 17.63
CA MET A 177 -9.59 -37.72 18.36
C MET A 177 -9.22 -37.65 19.83
N GLU A 178 -8.03 -37.12 20.14
CA GLU A 178 -7.57 -37.06 21.53
C GLU A 178 -8.56 -36.31 22.41
N MET A 179 -8.91 -35.09 22.02
CA MET A 179 -9.81 -34.28 22.83
C MET A 179 -11.18 -34.96 22.97
N GLN A 180 -11.59 -35.74 21.97
CA GLN A 180 -12.80 -36.53 22.13
C GLN A 180 -12.61 -37.57 23.23
N GLN A 181 -11.43 -38.19 23.30
CA GLN A 181 -11.16 -39.16 24.36
C GLN A 181 -11.19 -38.51 25.74
N ASN A 182 -10.55 -37.34 25.89
CA ASN A 182 -10.61 -36.63 27.17
C ASN A 182 -12.02 -36.21 27.52
N LEU A 183 -12.80 -35.76 26.54
CA LEU A 183 -14.19 -35.38 26.81
C LEU A 183 -15.00 -36.58 27.28
N ASP A 184 -14.81 -37.74 26.63
CA ASP A 184 -15.52 -38.94 27.06
C ASP A 184 -15.09 -39.35 28.47
N TYR A 185 -13.80 -39.25 28.78
CA TYR A 185 -13.34 -39.58 30.13
C TYR A 185 -13.96 -38.65 31.16
N TYR A 186 -14.00 -37.35 30.86
CA TYR A 186 -14.62 -36.40 31.77
C TYR A 186 -16.10 -36.69 31.96
N GLN A 187 -16.80 -37.04 30.87
CA GLN A 187 -18.21 -37.35 30.97
C GLN A 187 -18.44 -38.58 31.84
N THR A 188 -17.61 -39.61 31.68
CA THR A 188 -17.77 -40.81 32.49
C THR A 188 -17.34 -40.56 33.93
N MET A 189 -16.20 -39.90 34.13
CA MET A 189 -15.71 -39.60 35.47
C MET A 189 -16.67 -38.64 36.18
N SER A 190 -16.91 -38.90 37.45
CA SER A 190 -17.99 -38.25 38.18
C SER A 190 -17.57 -36.85 38.63
N GLY A 191 -18.38 -35.85 38.28
CA GLY A 191 -18.08 -34.48 38.62
C GLY A 191 -18.37 -33.51 37.50
N VAL A 192 -18.88 -34.02 36.38
CA VAL A 192 -19.19 -33.21 35.20
C VAL A 192 -20.69 -33.33 34.92
N LYS A 193 -21.31 -32.20 34.58
CA LYS A 193 -22.74 -32.13 34.32
C LYS A 193 -22.98 -31.79 32.85
N GLU A 194 -24.14 -32.21 32.35
CA GLU A 194 -24.44 -32.04 30.93
C GLU A 194 -24.56 -30.57 30.54
N ALA A 195 -25.11 -29.74 31.41
CA ALA A 195 -25.32 -28.33 31.10
C ALA A 195 -24.06 -27.49 31.28
N ASP A 196 -22.98 -28.06 31.81
CA ASP A 196 -21.74 -27.33 31.99
C ASP A 196 -20.95 -27.16 30.69
N PHE A 197 -21.35 -27.85 29.62
CA PHE A 197 -20.67 -27.74 28.34
C PHE A 197 -21.06 -26.42 27.70
N LYS A 198 -20.30 -25.37 28.04
CA LYS A 198 -20.49 -24.05 27.47
C LYS A 198 -19.36 -23.73 26.51
N ASP A 199 -19.67 -22.97 25.47
CA ASP A 199 -18.70 -22.59 24.46
C ASP A 199 -18.28 -21.14 24.71
N LEU A 200 -16.99 -20.92 24.91
CA LEU A 200 -16.46 -19.63 25.31
C LEU A 200 -15.89 -18.82 24.16
N GLU A 201 -16.02 -19.31 22.93
CA GLU A 201 -15.41 -18.60 21.81
C GLU A 201 -16.38 -18.27 20.68
N THR A 202 -17.38 -19.11 20.45
CA THR A 202 -18.30 -18.88 19.35
C THR A 202 -19.13 -17.63 19.60
N GLN A 203 -19.41 -16.90 18.52
CA GLN A 203 -20.11 -15.63 18.63
C GLN A 203 -21.58 -15.86 18.99
N PRO A 204 -22.23 -14.87 19.62
CA PRO A 204 -23.62 -15.09 20.07
C PRO A 204 -24.60 -15.37 18.94
N HIS A 205 -24.60 -14.56 17.89
CA HIS A 205 -25.67 -14.63 16.90
C HIS A 205 -25.73 -15.97 16.20
N MET A 206 -24.62 -16.71 16.19
CA MET A 206 -24.63 -18.04 15.59
C MET A 206 -25.17 -19.10 16.55
N GLN A 207 -25.10 -18.84 17.85
CA GLN A 207 -25.49 -19.84 18.83
C GLN A 207 -27.02 -20.02 18.86
N GLU A 208 -27.77 -18.91 18.86
CA GLU A 208 -29.22 -19.04 18.86
C GLU A 208 -29.75 -19.44 17.50
N PHE A 209 -29.01 -19.17 16.43
CA PHE A 209 -29.45 -19.58 15.10
C PHE A 209 -29.47 -21.11 14.98
N ARG A 210 -28.35 -21.74 15.33
CA ARG A 210 -28.29 -23.20 15.25
C ARG A 210 -29.24 -23.85 16.24
N LEU A 211 -29.30 -23.33 17.47
CA LEU A 211 -30.24 -23.86 18.45
C LEU A 211 -31.67 -23.65 18.00
N GLY A 212 -31.98 -22.47 17.44
CA GLY A 212 -33.32 -22.22 16.95
C GLY A 212 -33.71 -23.14 15.81
N VAL A 213 -32.78 -23.40 14.89
CA VAL A 213 -33.06 -24.30 13.78
C VAL A 213 -33.24 -25.73 14.28
N ARG A 214 -32.43 -26.14 15.27
CA ARG A 214 -32.61 -27.47 15.84
C ARG A 214 -33.97 -27.61 16.51
N LEU A 215 -34.40 -26.58 17.24
CA LEU A 215 -35.74 -26.60 17.84
C LEU A 215 -36.82 -26.65 16.77
N TYR A 216 -36.65 -25.88 15.69
CA TYR A 216 -37.62 -25.88 14.60
C TYR A 216 -37.70 -27.23 13.90
N SER A 217 -36.58 -27.95 13.82
CA SER A 217 -36.57 -29.25 13.16
C SER A 217 -37.39 -30.28 13.91
N GLU A 218 -37.42 -30.19 15.25
CA GLU A 218 -38.19 -31.09 16.09
C GLU A 218 -39.68 -30.76 16.11
N GLU A 219 -40.15 -29.91 15.19
CA GLU A 219 -41.56 -29.51 15.11
C GLU A 219 -42.03 -28.84 16.41
N GLN A 220 -41.26 -27.85 16.85
CA GLN A 220 -41.57 -27.09 18.06
C GLN A 220 -41.49 -25.60 17.74
N PRO A 221 -42.54 -25.04 17.14
CA PRO A 221 -42.53 -23.63 16.79
C PRO A 221 -42.79 -22.66 17.94
N GLN A 222 -43.19 -23.13 19.11
CA GLN A 222 -43.34 -22.24 20.26
C GLN A 222 -41.98 -21.72 20.73
N GLU A 223 -40.96 -22.57 20.70
CA GLU A 223 -39.62 -22.23 21.16
C GLU A 223 -38.71 -21.75 20.02
N ALA A 224 -39.25 -21.61 18.81
CA ALA A 224 -38.42 -21.27 17.65
C ALA A 224 -38.37 -19.77 17.37
N VAL A 225 -39.49 -19.07 17.49
CA VAL A 225 -39.53 -17.65 17.10
C VAL A 225 -38.63 -16.77 17.96
N PRO A 226 -38.56 -16.91 19.30
CA PRO A 226 -37.73 -15.95 20.05
C PRO A 226 -36.26 -16.08 19.72
N HIS A 227 -35.77 -17.31 19.59
CA HIS A 227 -34.37 -17.53 19.26
C HIS A 227 -34.03 -16.93 17.90
N LEU A 228 -34.92 -17.11 16.93
CA LEU A 228 -34.67 -16.60 15.58
C LEU A 228 -34.71 -15.07 15.54
N GLU A 229 -35.67 -14.46 16.25
CA GLU A 229 -35.71 -13.00 16.29
C GLU A 229 -34.46 -12.44 16.97
N ALA A 230 -34.03 -13.08 18.06
CA ALA A 230 -32.77 -12.69 18.67
C ALA A 230 -31.63 -12.81 17.67
N ALA A 231 -31.54 -13.97 17.00
CA ALA A 231 -30.49 -14.19 16.01
C ALA A 231 -30.44 -13.05 15.00
N LEU A 232 -31.62 -12.58 14.56
CA LEU A 232 -31.64 -11.40 13.69
C LEU A 232 -30.99 -10.20 14.36
N GLN A 233 -31.39 -9.91 15.60
CA GLN A 233 -30.92 -8.69 16.25
C GLN A 233 -29.41 -8.73 16.50
N GLU A 234 -28.90 -9.84 17.07
CA GLU A 234 -27.45 -9.94 17.23
C GLU A 234 -26.73 -10.03 15.90
N TYR A 235 -27.37 -10.53 14.83
CA TYR A 235 -26.73 -10.49 13.52
C TYR A 235 -26.51 -9.05 13.07
N PHE A 236 -27.54 -8.21 13.20
CA PHE A 236 -27.38 -6.81 12.79
C PHE A 236 -26.34 -6.10 13.66
N VAL A 237 -26.37 -6.36 14.97
CA VAL A 237 -25.40 -5.73 15.87
C VAL A 237 -23.98 -6.16 15.53
N ALA A 238 -23.78 -7.46 15.29
CA ALA A 238 -22.45 -7.96 14.96
C ALA A 238 -21.99 -7.45 13.60
N TYR A 239 -22.91 -7.31 12.64
CA TYR A 239 -22.55 -6.74 11.35
C TYR A 239 -22.06 -5.31 11.51
N GLU A 240 -22.79 -4.50 12.29
CA GLU A 240 -22.37 -3.12 12.51
C GLU A 240 -21.03 -3.07 13.25
N GLU A 241 -20.82 -3.96 14.21
CA GLU A 241 -19.54 -3.99 14.91
C GLU A 241 -18.40 -4.41 13.99
N CYS A 242 -18.65 -5.36 13.08
CA CYS A 242 -17.60 -5.88 12.22
C CYS A 242 -17.25 -4.90 11.11
N ARG A 243 -18.20 -4.08 10.67
CA ARG A 243 -17.89 -3.09 9.64
C ARG A 243 -16.97 -1.98 10.15
N ALA A 244 -16.86 -1.80 11.46
CA ALA A 244 -16.08 -0.71 12.02
C ALA A 244 -14.64 -1.12 12.33
N LEU A 245 -14.26 -2.38 12.11
CA LEU A 245 -12.91 -2.84 12.36
C LEU A 245 -12.16 -3.14 11.06
N CYS A 246 -12.58 -2.53 9.95
CA CYS A 246 -11.99 -2.82 8.65
C CYS A 246 -11.03 -1.76 8.16
N GLU A 247 -11.03 -0.57 8.76
CA GLU A 247 -10.10 0.50 8.39
C GLU A 247 -8.74 0.18 8.97
N GLY A 248 -8.03 -0.72 8.28
CA GLY A 248 -6.73 -1.17 8.74
C GLY A 248 -5.60 -0.71 7.83
N PRO A 249 -4.38 -1.14 8.14
CA PRO A 249 -3.23 -0.73 7.33
C PRO A 249 -3.35 -1.22 5.90
N TYR A 250 -2.77 -0.45 4.98
CA TYR A 250 -2.76 -0.83 3.58
C TYR A 250 -1.81 -2.00 3.36
N ASP A 251 -2.14 -2.83 2.38
CA ASP A 251 -1.42 -4.08 2.14
C ASP A 251 -0.58 -3.94 0.87
N TYR A 252 0.72 -3.71 1.05
CA TYR A 252 1.66 -3.70 -0.07
C TYR A 252 2.11 -5.13 -0.39
N ASP A 253 2.48 -5.34 -1.65
CA ASP A 253 2.91 -6.66 -2.12
C ASP A 253 4.40 -6.84 -1.82
N GLY A 254 4.68 -7.39 -0.65
CA GLY A 254 6.05 -7.61 -0.24
C GLY A 254 6.87 -6.34 -0.19
N TYR A 255 7.88 -6.24 -1.05
CA TYR A 255 8.76 -5.09 -1.11
C TYR A 255 8.35 -4.10 -2.19
N ASN A 256 7.06 -4.01 -2.48
CA ASN A 256 6.55 -3.11 -3.50
C ASN A 256 6.29 -1.70 -2.96
N TYR A 257 6.46 -1.48 -1.66
CA TYR A 257 6.36 -0.12 -1.13
C TYR A 257 7.60 0.71 -1.41
N LEU A 258 8.67 0.09 -1.93
CA LEU A 258 9.84 0.84 -2.37
C LEU A 258 9.69 1.37 -3.79
N GLU A 259 8.75 0.81 -4.56
CA GLU A 259 8.46 1.28 -5.91
C GLU A 259 7.06 1.87 -6.02
N TYR A 260 6.48 2.34 -4.91
CA TYR A 260 5.14 2.92 -4.92
C TYR A 260 5.24 4.41 -5.23
N ASN A 261 4.71 4.82 -6.37
CA ASN A 261 4.80 6.19 -6.84
C ASN A 261 3.42 6.71 -7.23
N ALA A 262 2.44 6.48 -6.36
CA ALA A 262 1.08 6.96 -6.58
C ALA A 262 0.90 8.34 -5.98
N ASP A 263 0.00 9.11 -6.59
CA ASP A 263 -0.26 10.48 -6.15
C ASP A 263 -1.19 10.46 -4.94
N LEU A 264 -1.69 11.63 -4.55
CA LEU A 264 -2.56 11.72 -3.38
C LEU A 264 -3.93 11.11 -3.66
N PHE A 265 -4.61 11.60 -4.69
CA PHE A 265 -5.95 11.16 -5.03
C PHE A 265 -5.98 9.75 -5.60
N GLN A 266 -4.84 9.16 -5.92
CA GLN A 266 -4.79 7.77 -6.35
C GLN A 266 -4.56 6.83 -5.16
N ALA A 267 -3.66 7.20 -4.25
CA ALA A 267 -3.46 6.42 -3.04
C ALA A 267 -4.71 6.38 -2.19
N ILE A 268 -5.40 7.53 -2.09
CA ILE A 268 -6.64 7.58 -1.31
C ILE A 268 -7.66 6.60 -1.87
N THR A 269 -7.83 6.59 -3.20
CA THR A 269 -8.84 5.73 -3.80
C THR A 269 -8.43 4.26 -3.71
N ASP A 270 -7.14 3.96 -3.84
CA ASP A 270 -6.70 2.58 -3.70
C ASP A 270 -6.96 2.06 -2.29
N HIS A 271 -6.60 2.86 -1.28
CA HIS A 271 -6.84 2.45 0.11
C HIS A 271 -8.33 2.30 0.38
N TYR A 272 -9.15 3.22 -0.12
CA TYR A 272 -10.58 3.12 0.13
C TYR A 272 -11.20 1.93 -0.60
N ILE A 273 -10.70 1.60 -1.79
CA ILE A 273 -11.21 0.42 -2.50
C ILE A 273 -10.88 -0.85 -1.73
N GLN A 274 -9.66 -0.94 -1.19
CA GLN A 274 -9.33 -2.09 -0.35
C GLN A 274 -10.21 -2.14 0.90
N VAL A 275 -10.46 -0.99 1.52
CA VAL A 275 -11.31 -0.95 2.71
C VAL A 275 -12.74 -1.39 2.37
N LEU A 276 -13.24 -0.95 1.22
CA LEU A 276 -14.58 -1.36 0.79
C LEU A 276 -14.66 -2.86 0.54
N ASN A 277 -13.62 -3.42 -0.09
CA ASN A 277 -13.57 -4.88 -0.26
C ASN A 277 -13.59 -5.59 1.08
N CYS A 278 -12.82 -5.09 2.05
CA CYS A 278 -12.79 -5.71 3.38
C CYS A 278 -14.14 -5.60 4.07
N LYS A 279 -14.84 -4.49 3.85
CA LYS A 279 -16.16 -4.31 4.46
C LYS A 279 -17.19 -5.25 3.84
N GLN A 280 -17.11 -5.44 2.52
CA GLN A 280 -18.04 -6.35 1.85
C GLN A 280 -17.71 -7.81 2.07
N ASN A 281 -16.49 -8.11 2.51
CA ASN A 281 -16.14 -9.50 2.82
C ASN A 281 -16.62 -9.97 4.19
N CYS A 282 -17.28 -9.12 4.96
CA CYS A 282 -17.75 -9.53 6.29
C CYS A 282 -19.03 -10.36 6.24
N VAL A 283 -19.81 -10.23 5.17
CA VAL A 283 -21.06 -10.98 5.08
C VAL A 283 -20.79 -12.47 4.92
N THR A 284 -19.63 -12.84 4.39
CA THR A 284 -19.26 -14.24 4.26
C THR A 284 -18.46 -14.75 5.46
N GLU A 285 -18.07 -13.85 6.38
CA GLU A 285 -17.44 -14.26 7.63
C GLU A 285 -18.45 -14.39 8.76
N LEU A 286 -19.51 -13.60 8.74
CA LEU A 286 -20.56 -13.74 9.75
C LEU A 286 -21.40 -14.99 9.56
N ALA A 287 -21.31 -15.66 8.41
CA ALA A 287 -22.15 -16.80 8.08
C ALA A 287 -21.35 -18.09 7.95
N SER A 288 -20.29 -18.24 8.73
CA SER A 288 -19.44 -19.42 8.67
C SER A 288 -19.18 -19.96 10.06
N HIS A 289 -19.01 -21.28 10.14
CA HIS A 289 -18.70 -21.97 11.37
C HIS A 289 -17.61 -23.01 11.13
N PRO A 290 -16.72 -23.23 12.09
CA PRO A 290 -15.70 -24.27 11.92
C PRO A 290 -16.27 -25.68 11.82
N SER A 291 -17.50 -25.90 12.31
CA SER A 291 -18.11 -27.21 12.22
C SER A 291 -18.58 -27.54 10.81
N ARG A 292 -18.57 -26.57 9.91
CA ARG A 292 -18.96 -26.75 8.52
C ARG A 292 -17.82 -26.30 7.61
N GLU A 293 -17.76 -26.89 6.42
CA GLU A 293 -16.69 -26.62 5.47
C GLU A 293 -17.08 -25.61 4.39
N LYS A 294 -18.21 -24.91 4.56
CA LYS A 294 -18.65 -23.93 3.58
C LYS A 294 -19.64 -22.99 4.27
N PRO A 295 -19.50 -21.68 4.06
CA PRO A 295 -20.43 -20.74 4.72
C PRO A 295 -21.87 -20.97 4.30
N PHE A 296 -22.78 -20.66 5.22
CA PHE A 296 -24.20 -20.86 4.98
C PHE A 296 -24.65 -20.10 3.73
N GLU A 297 -25.66 -20.66 3.05
CA GLU A 297 -26.17 -20.08 1.81
C GLU A 297 -27.34 -19.16 2.12
N ASP A 298 -27.20 -17.88 1.78
CA ASP A 298 -28.26 -16.89 1.91
C ASP A 298 -28.77 -16.80 3.36
N PHE A 299 -27.87 -16.32 4.22
CA PHE A 299 -28.10 -16.32 5.65
C PHE A 299 -29.39 -15.60 6.03
N LEU A 300 -29.44 -14.29 5.78
CA LEU A 300 -30.60 -13.49 6.20
C LEU A 300 -31.89 -13.91 5.51
N PRO A 301 -31.94 -14.15 4.20
CA PRO A 301 -33.17 -14.70 3.61
C PRO A 301 -33.58 -16.03 4.22
N SER A 302 -32.62 -16.89 4.60
CA SER A 302 -32.98 -18.13 5.27
C SER A 302 -33.58 -17.86 6.65
N HIS A 303 -33.02 -16.87 7.37
CA HIS A 303 -33.62 -16.44 8.63
C HIS A 303 -35.09 -16.09 8.43
N TYR A 304 -35.37 -15.28 7.41
CA TYR A 304 -36.75 -14.84 7.19
C TYR A 304 -37.64 -16.00 6.74
N ASN A 305 -37.10 -16.92 5.95
CA ASN A 305 -37.87 -18.08 5.52
C ASN A 305 -38.28 -18.95 6.70
N TYR A 306 -37.31 -19.27 7.57
CA TYR A 306 -37.64 -20.06 8.76
C TYR A 306 -38.60 -19.32 9.66
N LEU A 307 -38.44 -18.00 9.79
CA LEU A 307 -39.34 -17.21 10.60
C LEU A 307 -40.78 -17.28 10.09
N GLN A 308 -40.97 -17.12 8.78
CA GLN A 308 -42.33 -17.11 8.25
C GLN A 308 -42.95 -18.50 8.31
N PHE A 309 -42.15 -19.56 8.10
CA PHE A 309 -42.66 -20.91 8.29
C PHE A 309 -43.11 -21.12 9.73
N ALA A 310 -42.29 -20.72 10.71
CA ALA A 310 -42.66 -20.92 12.10
C ALA A 310 -43.88 -20.09 12.48
N TYR A 311 -43.96 -18.85 11.96
CA TYR A 311 -45.10 -18.00 12.28
C TYR A 311 -46.39 -18.55 11.70
N TYR A 312 -46.34 -19.10 10.48
CA TYR A 312 -47.52 -19.77 9.94
C TYR A 312 -47.89 -20.97 10.77
N ASN A 313 -46.89 -21.74 11.23
CA ASN A 313 -47.18 -22.92 12.05
C ASN A 313 -47.85 -22.53 13.37
N ILE A 314 -47.39 -21.45 14.00
CA ILE A 314 -47.95 -21.03 15.28
C ILE A 314 -49.40 -20.59 15.11
N GLY A 315 -49.66 -19.72 14.14
CA GLY A 315 -50.99 -19.20 13.93
C GLY A 315 -51.02 -17.69 13.78
N ASN A 316 -49.87 -17.05 13.98
CA ASN A 316 -49.75 -15.61 13.77
C ASN A 316 -49.62 -15.33 12.28
N TYR A 317 -50.60 -14.64 11.71
CA TYR A 317 -50.66 -14.48 10.27
C TYR A 317 -50.06 -13.17 9.78
N THR A 318 -50.24 -12.08 10.53
CA THR A 318 -49.69 -10.79 10.11
C THR A 318 -48.16 -10.83 10.05
N GLN A 319 -47.53 -11.44 11.05
CA GLN A 319 -46.08 -11.57 11.03
C GLN A 319 -45.63 -12.48 9.89
N ALA A 320 -46.42 -13.52 9.59
CA ALA A 320 -46.09 -14.39 8.47
C ALA A 320 -46.11 -13.62 7.15
N VAL A 321 -47.14 -12.79 6.96
CA VAL A 321 -47.24 -12.00 5.73
C VAL A 321 -46.11 -11.00 5.64
N GLU A 322 -45.80 -10.32 6.76
CA GLU A 322 -44.72 -9.35 6.76
C GLU A 322 -43.37 -10.00 6.45
N CYS A 323 -43.11 -11.16 7.04
CA CYS A 323 -41.86 -11.86 6.79
C CYS A 323 -41.79 -12.37 5.35
N ALA A 324 -42.92 -12.83 4.81
CA ALA A 324 -42.96 -13.23 3.41
C ALA A 324 -42.62 -12.06 2.49
N LYS A 325 -43.18 -10.88 2.78
CA LYS A 325 -42.91 -9.72 1.95
C LYS A 325 -41.45 -9.29 2.06
N THR A 326 -40.89 -9.29 3.27
CA THR A 326 -39.50 -8.87 3.44
C THR A 326 -38.53 -9.92 2.92
N TYR A 327 -38.97 -11.17 2.73
CA TYR A 327 -38.14 -12.13 2.00
C TYR A 327 -38.21 -11.90 0.51
N LEU A 328 -39.42 -11.71 -0.02
CA LEU A 328 -39.58 -11.49 -1.46
C LEU A 328 -38.94 -10.19 -1.90
N LEU A 329 -38.69 -9.26 -0.98
CA LEU A 329 -37.89 -8.09 -1.31
C LEU A 329 -36.52 -8.48 -1.83
N PHE A 330 -35.91 -9.51 -1.24
CA PHE A 330 -34.58 -9.95 -1.68
C PHE A 330 -34.66 -10.75 -2.97
N PHE A 331 -35.50 -11.79 -2.99
CA PHE A 331 -35.69 -12.63 -4.17
C PHE A 331 -37.10 -12.39 -4.69
N PRO A 332 -37.26 -11.56 -5.73
CA PRO A 332 -38.60 -11.22 -6.22
C PRO A 332 -39.19 -12.20 -7.21
N ASN A 333 -38.46 -13.25 -7.59
CA ASN A 333 -38.95 -14.21 -8.59
C ASN A 333 -39.08 -15.62 -8.03
N ASP A 334 -39.08 -15.77 -6.71
CA ASP A 334 -39.21 -17.09 -6.09
C ASP A 334 -40.67 -17.51 -6.18
N GLU A 335 -40.93 -18.61 -6.91
CA GLU A 335 -42.30 -19.03 -7.16
C GLU A 335 -42.97 -19.55 -5.89
N VAL A 336 -42.30 -20.45 -5.15
CA VAL A 336 -42.91 -21.09 -3.99
C VAL A 336 -43.28 -20.05 -2.94
N MET A 337 -42.41 -19.08 -2.71
CA MET A 337 -42.71 -18.03 -1.75
C MET A 337 -43.89 -17.18 -2.23
N ASN A 338 -44.05 -17.03 -3.54
CA ASN A 338 -45.20 -16.33 -4.07
C ASN A 338 -46.49 -17.11 -3.83
N GLN A 339 -46.44 -18.44 -3.98
CA GLN A 339 -47.60 -19.25 -3.63
C GLN A 339 -47.94 -19.11 -2.16
N ASN A 340 -46.92 -19.11 -1.29
CA ASN A 340 -47.16 -18.95 0.13
C ASN A 340 -47.80 -17.60 0.44
N LEU A 341 -47.29 -16.52 -0.19
CA LEU A 341 -47.87 -15.20 0.03
C LEU A 341 -49.31 -15.12 -0.46
N ALA A 342 -49.59 -15.70 -1.63
CA ALA A 342 -50.95 -15.69 -2.15
C ALA A 342 -51.89 -16.50 -1.25
N TYR A 343 -51.41 -17.62 -0.72
CA TYR A 343 -52.21 -18.43 0.20
C TYR A 343 -52.53 -17.66 1.47
N TYR A 344 -51.53 -16.97 2.03
CA TYR A 344 -51.77 -16.16 3.23
C TYR A 344 -52.73 -15.01 2.93
N ALA A 345 -52.59 -14.38 1.77
CA ALA A 345 -53.48 -13.28 1.40
C ALA A 345 -54.91 -13.76 1.22
N ALA A 346 -55.09 -14.95 0.64
CA ALA A 346 -56.42 -15.53 0.52
C ALA A 346 -57.00 -15.84 1.90
N MET A 347 -56.17 -16.37 2.80
CA MET A 347 -56.64 -16.65 4.15
C MET A 347 -57.04 -15.37 4.89
N LEU A 348 -56.24 -14.31 4.75
CA LEU A 348 -56.50 -13.06 5.43
C LEU A 348 -57.33 -12.14 4.52
N GLY A 349 -57.48 -10.87 4.92
CA GLY A 349 -58.19 -9.91 4.11
C GLY A 349 -57.27 -9.14 3.18
N GLU A 350 -57.86 -8.65 2.08
CA GLU A 350 -57.07 -7.93 1.09
C GLU A 350 -56.51 -6.63 1.66
N GLU A 351 -57.32 -5.90 2.42
CA GLU A 351 -56.86 -4.63 2.98
C GLU A 351 -55.73 -4.84 3.99
N HIS A 352 -55.84 -5.88 4.83
CA HIS A 352 -54.77 -6.19 5.77
C HIS A 352 -53.50 -6.60 5.05
N THR A 353 -53.60 -7.46 4.03
CA THR A 353 -52.43 -7.89 3.30
C THR A 353 -51.87 -6.80 2.39
N ARG A 354 -52.60 -5.70 2.21
CA ARG A 354 -52.07 -4.55 1.50
C ARG A 354 -51.42 -3.53 2.43
N SER A 355 -51.96 -3.39 3.65
CA SER A 355 -51.45 -2.37 4.57
C SER A 355 -50.08 -2.74 5.13
N ILE A 356 -49.85 -4.02 5.45
CA ILE A 356 -48.61 -4.43 6.08
C ILE A 356 -47.51 -4.52 5.03
N GLY A 357 -46.32 -4.05 5.39
CA GLY A 357 -45.19 -4.07 4.50
C GLY A 357 -43.98 -4.76 5.11
N PRO A 358 -42.83 -4.66 4.43
CA PRO A 358 -41.62 -5.33 4.93
C PRO A 358 -41.00 -4.62 6.12
N ARG A 359 -39.81 -5.08 6.53
CA ARG A 359 -39.09 -4.53 7.67
C ARG A 359 -38.02 -3.55 7.18
N GLU A 360 -37.87 -2.44 7.90
CA GLU A 360 -37.04 -1.33 7.45
C GLU A 360 -35.55 -1.64 7.49
N SER A 361 -35.11 -2.43 8.48
CA SER A 361 -33.69 -2.74 8.61
C SER A 361 -33.18 -3.50 7.39
N ALA A 362 -33.96 -4.45 6.89
CA ALA A 362 -33.58 -5.17 5.68
C ALA A 362 -33.49 -4.22 4.49
N LYS A 363 -34.40 -3.25 4.41
CA LYS A 363 -34.36 -2.27 3.32
C LYS A 363 -33.09 -1.44 3.37
N GLU A 364 -32.73 -0.94 4.55
CA GLU A 364 -31.52 -0.14 4.69
C GLU A 364 -30.28 -0.98 4.36
N TYR A 365 -30.24 -2.21 4.87
CA TYR A 365 -29.16 -3.12 4.57
C TYR A 365 -29.01 -3.34 3.07
N ARG A 366 -30.12 -3.62 2.39
CA ARG A 366 -30.09 -3.86 0.95
C ARG A 366 -29.61 -2.63 0.19
N GLN A 367 -30.11 -1.44 0.56
CA GLN A 367 -29.73 -0.24 -0.16
C GLN A 367 -28.24 0.06 -0.01
N ARG A 368 -27.73 -0.03 1.22
CA ARG A 368 -26.31 0.24 1.44
C ARG A 368 -25.44 -0.79 0.72
N SER A 369 -25.83 -2.06 0.77
CA SER A 369 -25.05 -3.08 0.09
C SER A 369 -25.07 -2.88 -1.43
N LEU A 370 -26.23 -2.48 -1.97
CA LEU A 370 -26.30 -2.24 -3.41
C LEU A 370 -25.41 -1.08 -3.84
N LEU A 371 -25.40 0.00 -3.06
CA LEU A 371 -24.52 1.13 -3.39
C LEU A 371 -23.05 0.72 -3.32
N GLU A 372 -22.67 -0.03 -2.28
CA GLU A 372 -21.30 -0.50 -2.17
C GLU A 372 -20.92 -1.40 -3.36
N LYS A 373 -21.83 -2.29 -3.76
CA LYS A 373 -21.57 -3.18 -4.87
C LYS A 373 -21.43 -2.41 -6.17
N GLU A 374 -22.25 -1.38 -6.37
CA GLU A 374 -22.12 -0.54 -7.57
C GLU A 374 -20.75 0.11 -7.63
N LEU A 375 -20.32 0.70 -6.51
CA LEU A 375 -19.01 1.36 -6.50
C LEU A 375 -17.88 0.36 -6.76
N LEU A 376 -17.97 -0.82 -6.14
CA LEU A 376 -16.91 -1.82 -6.32
C LEU A 376 -16.88 -2.34 -7.75
N PHE A 377 -18.04 -2.51 -8.38
CA PHE A 377 -18.06 -2.97 -9.76
C PHE A 377 -17.52 -1.91 -10.72
N PHE A 378 -17.80 -0.63 -10.45
CA PHE A 378 -17.18 0.42 -11.26
C PHE A 378 -15.67 0.40 -11.13
N ALA A 379 -15.17 0.23 -9.90
CA ALA A 379 -13.73 0.17 -9.70
C ALA A 379 -13.12 -1.02 -10.42
N TYR A 380 -13.77 -2.18 -10.35
CA TYR A 380 -13.29 -3.37 -11.04
C TYR A 380 -13.27 -3.14 -12.55
N ASP A 381 -14.32 -2.52 -13.09
CA ASP A 381 -14.38 -2.30 -14.53
C ASP A 381 -13.27 -1.35 -14.99
N VAL A 382 -13.01 -0.28 -14.23
CA VAL A 382 -12.10 0.75 -14.74
C VAL A 382 -10.65 0.42 -14.38
N PHE A 383 -10.37 0.24 -13.10
CA PHE A 383 -8.99 0.06 -12.64
C PHE A 383 -8.51 -1.37 -12.69
N GLY A 384 -9.37 -2.32 -13.05
CA GLY A 384 -8.96 -3.72 -13.13
C GLY A 384 -8.62 -4.33 -11.80
N ILE A 385 -9.32 -3.97 -10.73
CA ILE A 385 -9.11 -4.52 -9.40
C ILE A 385 -10.18 -5.58 -9.17
N PRO A 386 -9.81 -6.86 -9.05
CA PRO A 386 -10.82 -7.92 -9.06
C PRO A 386 -11.78 -7.83 -7.89
N PHE A 387 -13.02 -8.26 -8.12
CA PHE A 387 -14.06 -8.29 -7.10
C PHE A 387 -14.99 -9.45 -7.38
N VAL A 388 -15.26 -10.25 -6.35
CA VAL A 388 -16.18 -11.38 -6.44
C VAL A 388 -17.36 -11.13 -5.51
N ASP A 389 -18.56 -11.24 -6.04
CA ASP A 389 -19.76 -10.91 -5.28
C ASP A 389 -20.02 -11.96 -4.22
N PRO A 390 -20.17 -11.57 -2.95
CA PRO A 390 -20.52 -12.53 -1.89
C PRO A 390 -22.02 -12.77 -1.72
N ASP A 391 -22.87 -12.11 -2.50
CA ASP A 391 -24.30 -12.23 -2.38
C ASP A 391 -24.89 -12.77 -3.68
N SER A 392 -25.90 -13.63 -3.55
CA SER A 392 -26.54 -14.26 -4.70
C SER A 392 -27.84 -13.57 -5.11
N TRP A 393 -28.25 -12.51 -4.42
CA TRP A 393 -29.48 -11.80 -4.74
C TRP A 393 -29.21 -10.49 -5.49
N THR A 394 -28.00 -10.29 -5.97
CA THR A 394 -27.64 -9.02 -6.61
C THR A 394 -28.32 -8.91 -7.98
N PRO A 395 -29.07 -7.85 -8.23
CA PRO A 395 -29.64 -7.66 -9.57
C PRO A 395 -28.55 -7.34 -10.59
N GLU A 396 -28.78 -7.77 -11.83
CA GLU A 396 -27.81 -7.57 -12.90
C GLU A 396 -27.68 -6.12 -13.33
N GLU A 397 -28.59 -5.24 -12.89
CA GLU A 397 -28.55 -3.84 -13.30
C GLU A 397 -27.36 -3.07 -12.73
N VAL A 398 -26.65 -3.62 -11.74
CA VAL A 398 -25.53 -2.91 -11.13
C VAL A 398 -24.19 -3.24 -11.79
N ILE A 399 -24.15 -4.23 -12.67
CA ILE A 399 -22.90 -4.63 -13.33
C ILE A 399 -22.75 -3.85 -14.63
N PRO A 400 -21.57 -3.30 -14.91
CA PRO A 400 -21.38 -2.58 -16.17
C PRO A 400 -21.50 -3.50 -17.37
N LYS A 401 -21.72 -2.88 -18.54
CA LYS A 401 -21.92 -3.66 -19.75
C LYS A 401 -20.65 -4.37 -20.19
N ARG A 402 -19.49 -3.77 -19.94
CA ARG A 402 -18.23 -4.43 -20.28
C ARG A 402 -18.04 -5.71 -19.47
N LEU A 403 -18.40 -5.66 -18.18
CA LEU A 403 -18.22 -6.84 -17.33
C LEU A 403 -19.25 -7.93 -17.62
N GLN A 404 -20.46 -7.54 -18.05
CA GLN A 404 -21.50 -8.53 -18.29
C GLN A 404 -21.21 -9.38 -19.52
N GLU A 405 -20.30 -8.94 -20.38
CA GLU A 405 -19.94 -9.75 -21.54
C GLU A 405 -18.86 -10.77 -21.19
N LYS A 406 -18.01 -10.44 -20.23
CA LYS A 406 -16.97 -11.38 -19.80
C LYS A 406 -17.58 -12.51 -18.97
N GLN A 407 -18.69 -12.24 -18.28
CA GLN A 407 -19.39 -13.31 -17.58
C GLN A 407 -20.18 -14.17 -18.56
N LYS A 408 -20.64 -13.58 -19.67
CA LYS A 408 -21.39 -14.33 -20.67
C LYS A 408 -20.50 -15.34 -21.38
N SER A 409 -19.27 -14.96 -21.69
CA SER A 409 -18.36 -15.87 -22.40
C SER A 409 -17.90 -17.02 -21.50
N GLU A 410 -17.62 -16.73 -20.23
CA GLU A 410 -17.15 -17.77 -19.33
C GLU A 410 -18.26 -18.74 -18.96
N ARG A 411 -19.52 -18.34 -19.14
CA ARG A 411 -20.63 -19.27 -18.96
C ARG A 411 -20.83 -20.13 -20.20
N GLU A 412 -20.55 -19.58 -21.39
CA GLU A 412 -20.66 -20.37 -22.61
C GLU A 412 -19.61 -21.48 -22.64
N THR A 413 -18.38 -21.18 -22.23
CA THR A 413 -17.30 -22.17 -22.26
C THR A 413 -17.35 -23.14 -21.08
N ALA A 414 -18.20 -22.88 -20.08
CA ALA A 414 -18.34 -23.82 -18.98
C ALA A 414 -19.20 -25.01 -19.40
N VAL A 415 -20.22 -24.77 -20.23
CA VAL A 415 -21.02 -25.87 -20.75
C VAL A 415 -20.39 -26.51 -21.98
N ARG A 416 -19.52 -25.79 -22.68
CA ARG A 416 -18.82 -26.37 -23.83
C ARG A 416 -17.88 -27.47 -23.39
N ILE A 417 -17.15 -27.25 -22.29
CA ILE A 417 -16.20 -28.25 -21.81
C ILE A 417 -16.93 -29.46 -21.25
N SER A 418 -18.04 -29.23 -20.54
CA SER A 418 -18.77 -30.34 -19.93
C SER A 418 -19.39 -31.25 -20.97
N GLN A 419 -19.58 -30.77 -22.18
CA GLN A 419 -20.08 -31.64 -23.25
C GLN A 419 -18.99 -32.57 -23.76
N GLU A 420 -17.76 -32.05 -23.89
CA GLU A 420 -16.65 -32.87 -24.38
C GLU A 420 -16.35 -34.02 -23.44
N ILE A 421 -16.36 -33.77 -22.13
CA ILE A 421 -16.17 -34.85 -21.16
C ILE A 421 -17.29 -35.86 -21.27
N GLY A 422 -18.51 -35.39 -21.58
CA GLY A 422 -19.61 -36.32 -21.77
C GLY A 422 -19.41 -37.23 -22.97
N ASN A 423 -18.90 -36.68 -24.07
CA ASN A 423 -18.63 -37.50 -25.24
C ASN A 423 -17.49 -38.49 -24.98
N LEU A 424 -16.50 -38.07 -24.20
CA LEU A 424 -15.40 -38.98 -23.85
C LEU A 424 -15.89 -40.18 -23.06
N MET A 425 -16.77 -39.94 -22.07
CA MET A 425 -17.22 -41.02 -21.20
C MET A 425 -18.25 -41.91 -21.90
N LYS A 426 -19.11 -41.33 -22.72
CA LYS A 426 -20.18 -42.12 -23.32
C LYS A 426 -19.64 -43.17 -24.29
N GLU A 427 -18.53 -42.88 -24.97
CA GLU A 427 -17.90 -43.88 -25.82
C GLU A 427 -17.13 -44.92 -25.02
N ILE A 428 -16.61 -44.54 -23.86
CA ILE A 428 -15.87 -45.47 -23.00
C ILE A 428 -16.82 -46.50 -22.41
N ASP A 441 -6.97 -44.31 -16.09
CA ASP A 441 -8.09 -44.77 -15.27
C ASP A 441 -9.11 -43.66 -15.06
N VAL A 442 -9.76 -43.24 -16.15
CA VAL A 442 -10.76 -42.17 -16.14
C VAL A 442 -10.13 -40.86 -15.70
N SER A 443 -9.54 -40.84 -14.50
CA SER A 443 -8.87 -39.65 -14.01
C SER A 443 -7.62 -39.31 -14.82
N ARG A 444 -7.17 -40.20 -15.69
CA ARG A 444 -6.05 -39.94 -16.59
C ARG A 444 -6.49 -39.72 -18.03
N LEU A 445 -7.79 -39.72 -18.29
CA LEU A 445 -8.29 -39.55 -19.65
C LEU A 445 -9.32 -38.44 -19.78
N THR A 446 -10.19 -38.25 -18.77
CA THR A 446 -11.26 -37.27 -18.84
C THR A 446 -10.86 -35.92 -18.26
N ARG A 447 -9.62 -35.75 -17.82
CA ARG A 447 -9.13 -34.45 -17.35
C ARG A 447 -7.74 -34.15 -17.88
N GLU A 448 -7.37 -34.75 -19.03
CA GLU A 448 -6.11 -34.45 -19.71
C GLU A 448 -6.37 -34.54 -21.21
N GLY A 449 -5.30 -34.42 -21.99
CA GLY A 449 -5.38 -34.55 -23.43
C GLY A 449 -6.10 -33.41 -24.11
N GLY A 450 -5.50 -32.22 -24.10
CA GLY A 450 -6.11 -31.06 -24.70
C GLY A 450 -5.69 -30.84 -26.15
N PRO A 451 -6.34 -29.89 -26.81
CA PRO A 451 -6.04 -29.65 -28.23
C PRO A 451 -4.62 -29.19 -28.51
N LEU A 452 -3.99 -28.45 -27.59
CA LEU A 452 -2.67 -27.84 -27.81
C LEU A 452 -2.72 -26.91 -29.03
N LEU A 453 -3.49 -25.83 -28.85
CA LEU A 453 -3.90 -24.94 -29.93
C LEU A 453 -2.75 -24.62 -30.90
N TYR A 454 -1.69 -24.00 -30.39
CA TYR A 454 -0.62 -23.52 -31.27
C TYR A 454 0.06 -24.67 -31.99
N GLU A 455 0.31 -24.48 -33.28
CA GLU A 455 0.95 -25.49 -34.11
C GLU A 455 2.46 -25.49 -33.88
N GLY A 456 3.09 -26.58 -34.28
CA GLY A 456 4.50 -26.77 -34.03
C GLY A 456 4.82 -27.28 -32.64
N ILE A 457 3.82 -27.73 -31.90
CA ILE A 457 3.97 -28.15 -30.51
C ILE A 457 3.51 -29.60 -30.41
N SER A 458 4.36 -30.45 -29.83
CA SER A 458 4.08 -31.87 -29.70
C SER A 458 4.14 -32.30 -28.24
N LEU A 459 3.81 -33.58 -28.02
CA LEU A 459 3.83 -34.18 -26.68
C LEU A 459 4.98 -35.19 -26.63
N THR A 460 6.08 -34.78 -26.00
CA THR A 460 7.23 -35.67 -25.90
C THR A 460 6.97 -36.78 -24.88
N MET A 461 6.39 -36.44 -23.74
CA MET A 461 5.87 -37.39 -22.77
C MET A 461 4.44 -37.05 -22.39
N ASN A 462 3.61 -38.07 -22.28
CA ASN A 462 2.31 -37.94 -21.63
C ASN A 462 2.43 -38.36 -20.16
N SER A 463 1.29 -38.42 -19.47
CA SER A 463 1.32 -38.70 -18.03
C SER A 463 1.63 -40.16 -17.75
N LYS A 464 1.27 -41.08 -18.66
CA LYS A 464 1.46 -42.50 -18.38
C LYS A 464 2.95 -42.86 -18.37
N LEU A 465 3.70 -42.41 -19.38
CA LEU A 465 5.12 -42.73 -19.43
C LEU A 465 5.88 -42.05 -18.29
N LEU A 466 5.36 -40.94 -17.79
CA LEU A 466 5.99 -40.20 -16.70
C LEU A 466 5.67 -40.79 -15.33
N ASN A 467 4.89 -41.87 -15.29
CA ASN A 467 4.59 -42.61 -14.05
C ASN A 467 3.93 -41.71 -13.00
N GLY A 468 2.73 -41.25 -13.34
CA GLY A 468 1.96 -40.41 -12.43
C GLY A 468 0.79 -39.71 -13.09
N SER A 469 -0.01 -39.02 -12.30
CA SER A 469 -1.15 -38.28 -12.81
C SER A 469 -0.87 -36.79 -12.77
N GLN A 470 -1.53 -36.06 -13.68
CA GLN A 470 -1.35 -34.61 -13.84
C GLN A 470 0.10 -34.28 -14.15
N ARG A 471 0.58 -34.83 -15.27
CA ARG A 471 1.95 -34.66 -15.69
C ARG A 471 2.00 -34.60 -17.21
N VAL A 472 2.91 -33.77 -17.74
CA VAL A 472 3.08 -33.64 -19.18
C VAL A 472 4.44 -33.02 -19.44
N VAL A 473 5.02 -33.33 -20.60
CA VAL A 473 6.29 -32.76 -21.03
C VAL A 473 6.15 -32.41 -22.50
N MET A 474 6.02 -31.13 -22.81
CA MET A 474 5.86 -30.65 -24.17
C MET A 474 7.18 -30.08 -24.68
N ASP A 475 7.36 -30.18 -26.00
CA ASP A 475 8.59 -29.73 -26.65
C ASP A 475 8.25 -28.82 -27.82
N GLY A 476 8.99 -27.71 -27.90
CA GLY A 476 8.85 -26.81 -29.03
C GLY A 476 7.84 -25.70 -28.86
N VAL A 477 7.65 -25.18 -27.65
CA VAL A 477 6.73 -24.07 -27.47
C VAL A 477 7.29 -22.79 -28.09
N ILE A 478 8.62 -22.67 -28.17
CA ILE A 478 9.27 -21.53 -28.80
C ILE A 478 10.48 -22.01 -29.60
N SER A 479 10.92 -21.15 -30.52
CA SER A 479 12.05 -21.45 -31.38
C SER A 479 13.35 -20.97 -30.73
N ASP A 480 14.45 -21.07 -31.48
CA ASP A 480 15.77 -20.73 -30.94
C ASP A 480 15.99 -19.23 -30.85
N HIS A 481 15.37 -18.45 -31.74
CA HIS A 481 15.50 -17.00 -31.67
C HIS A 481 14.94 -16.47 -30.34
N GLU A 482 13.79 -16.99 -29.92
CA GLU A 482 13.22 -16.60 -28.64
C GLU A 482 14.15 -16.97 -27.48
N CYS A 483 14.73 -18.17 -27.53
CA CYS A 483 15.65 -18.58 -26.47
C CYS A 483 16.84 -17.65 -26.39
N GLN A 484 17.44 -17.30 -27.54
CA GLN A 484 18.58 -16.40 -27.53
C GLN A 484 18.21 -15.01 -27.03
N GLU A 485 17.04 -14.51 -27.44
CA GLU A 485 16.64 -13.16 -27.02
C GLU A 485 16.38 -13.11 -25.51
N LEU A 486 15.68 -14.11 -24.97
CA LEU A 486 15.47 -14.14 -23.52
C LEU A 486 16.78 -14.35 -22.77
N GLN A 487 17.70 -15.13 -23.33
CA GLN A 487 19.01 -15.29 -22.71
C GLN A 487 19.76 -13.97 -22.64
N ARG A 488 19.73 -13.19 -23.73
CA ARG A 488 20.36 -11.88 -23.71
C ARG A 488 19.68 -10.96 -22.72
N LEU A 489 18.35 -11.01 -22.64
CA LEU A 489 17.63 -10.16 -21.69
C LEU A 489 18.03 -10.47 -20.25
N THR A 490 18.10 -11.75 -19.90
CA THR A 490 18.45 -12.09 -18.52
C THR A 490 19.94 -11.90 -18.24
N ASN A 491 20.79 -12.01 -19.27
CA ASN A 491 22.22 -11.84 -19.07
C ASN A 491 22.61 -10.38 -18.91
N VAL A 492 21.96 -9.48 -19.66
CA VAL A 492 22.30 -8.07 -19.60
C VAL A 492 22.04 -7.50 -18.20
N ALA A 493 20.86 -7.77 -17.66
CA ALA A 493 20.48 -7.32 -16.33
C ALA A 493 19.93 -8.50 -15.54
N ALA A 494 20.46 -8.70 -14.35
CA ALA A 494 20.04 -9.82 -13.50
C ALA A 494 19.88 -9.39 -12.05
N TYR A 514 18.63 -15.07 -9.90
CA TYR A 514 18.51 -13.79 -10.61
C TYR A 514 17.08 -13.59 -11.10
N GLY A 515 16.15 -13.42 -10.18
CA GLY A 515 14.75 -13.35 -10.53
C GLY A 515 14.36 -11.98 -11.04
N VAL A 516 13.99 -11.88 -12.31
CA VAL A 516 13.50 -10.65 -12.91
C VAL A 516 12.07 -10.89 -13.38
N THR A 517 11.14 -10.05 -12.93
CA THR A 517 9.74 -10.19 -13.26
C THR A 517 9.48 -9.60 -14.66
N VAL A 518 8.25 -9.76 -15.14
CA VAL A 518 7.89 -9.18 -16.43
C VAL A 518 7.66 -7.68 -16.31
N PHE A 519 7.05 -7.24 -15.21
CA PHE A 519 6.84 -5.82 -15.00
C PHE A 519 8.17 -5.07 -14.88
N LYS A 520 9.11 -5.63 -14.13
CA LYS A 520 10.42 -4.99 -13.99
C LYS A 520 11.18 -5.01 -15.30
N ALA A 521 11.06 -6.09 -16.08
CA ALA A 521 11.69 -6.14 -17.39
C ALA A 521 11.12 -5.07 -18.31
N LEU A 522 9.80 -4.87 -18.26
CA LEU A 522 9.19 -3.81 -19.07
C LEU A 522 9.66 -2.44 -18.63
N LYS A 523 9.77 -2.22 -17.31
CA LYS A 523 10.27 -0.94 -16.83
C LYS A 523 11.70 -0.69 -17.28
N LEU A 524 12.56 -1.71 -17.20
CA LEU A 524 13.95 -1.55 -17.64
C LEU A 524 14.03 -1.30 -19.14
N GLY A 525 13.18 -1.97 -19.91
CA GLY A 525 13.12 -1.66 -21.35
C GLY A 525 12.65 -0.26 -21.61
N GLN A 526 11.74 0.25 -20.78
CA GLN A 526 11.29 1.63 -20.92
C GLN A 526 12.41 2.62 -20.63
N GLU A 527 13.20 2.35 -19.59
CA GLU A 527 14.32 3.24 -19.28
C GLU A 527 15.38 3.22 -20.39
N GLY A 528 15.71 2.04 -20.89
CA GLY A 528 16.65 1.93 -21.99
C GLY A 528 17.79 0.96 -21.75
N LYS A 529 17.73 0.22 -20.64
CA LYS A 529 18.81 -0.69 -20.30
C LYS A 529 18.72 -1.97 -21.12
N VAL A 530 17.62 -2.70 -21.01
CA VAL A 530 17.41 -3.95 -21.74
C VAL A 530 16.59 -3.67 -22.99
N PRO A 531 16.73 -4.48 -24.04
CA PRO A 531 15.92 -4.26 -25.24
C PRO A 531 14.44 -4.43 -24.96
N LEU A 532 13.63 -3.64 -25.67
CA LEU A 532 12.18 -3.68 -25.49
C LEU A 532 11.55 -4.89 -26.18
N GLN A 533 12.14 -5.34 -27.30
CA GLN A 533 11.57 -6.47 -28.03
C GLN A 533 11.61 -7.74 -27.20
N SER A 534 12.71 -7.96 -26.47
CA SER A 534 12.78 -9.10 -25.58
C SER A 534 11.80 -8.97 -24.42
N ALA A 535 11.62 -7.75 -23.91
CA ALA A 535 10.67 -7.54 -22.81
C ALA A 535 9.24 -7.77 -23.26
N HIS A 536 8.95 -7.59 -24.56
CA HIS A 536 7.63 -7.93 -25.07
C HIS A 536 7.51 -9.41 -25.40
N LEU A 537 8.60 -10.03 -25.86
CA LEU A 537 8.60 -11.45 -26.14
C LEU A 537 8.39 -12.26 -24.87
N TYR A 538 8.96 -11.82 -23.75
CA TYR A 538 8.75 -12.47 -22.47
C TYR A 538 7.27 -12.47 -22.09
N TYR A 539 6.61 -11.32 -22.24
CA TYR A 539 5.19 -11.20 -21.96
C TYR A 539 4.37 -12.13 -22.86
N ASN A 540 4.70 -12.13 -24.16
CA ASN A 540 3.95 -12.97 -25.10
C ASN A 540 4.11 -14.46 -24.78
N VAL A 541 5.33 -14.89 -24.44
CA VAL A 541 5.55 -16.30 -24.13
C VAL A 541 4.85 -16.68 -22.84
N THR A 542 4.80 -15.76 -21.87
CA THR A 542 4.08 -16.04 -20.64
C THR A 542 2.59 -16.28 -20.92
N GLU A 543 1.98 -15.39 -21.70
CA GLU A 543 0.56 -15.56 -22.03
C GLU A 543 0.32 -16.84 -22.83
N LYS A 544 1.20 -17.15 -23.78
CA LYS A 544 1.05 -18.36 -24.58
C LYS A 544 1.13 -19.61 -23.72
N VAL A 545 2.07 -19.66 -22.78
CA VAL A 545 2.18 -20.82 -21.90
C VAL A 545 0.95 -20.92 -21.01
N ARG A 546 0.43 -19.78 -20.53
CA ARG A 546 -0.79 -19.81 -19.73
C ARG A 546 -1.93 -20.44 -20.50
N ARG A 547 -2.12 -20.01 -21.76
CA ARG A 547 -3.22 -20.56 -22.54
C ARG A 547 -3.02 -22.04 -22.85
N ILE A 548 -1.77 -22.44 -23.09
CA ILE A 548 -1.48 -23.85 -23.35
C ILE A 548 -1.83 -24.70 -22.13
N MET A 549 -1.40 -24.25 -20.95
CA MET A 549 -1.70 -24.98 -19.72
C MET A 549 -3.20 -25.05 -19.46
N GLU A 550 -3.91 -23.94 -19.71
CA GLU A 550 -5.35 -23.97 -19.52
C GLU A 550 -6.01 -24.96 -20.48
N SER A 551 -5.53 -25.03 -21.72
CA SER A 551 -6.19 -25.88 -22.71
C SER A 551 -5.89 -27.36 -22.50
N TYR A 552 -4.66 -27.70 -22.09
CA TYR A 552 -4.29 -29.12 -22.07
C TYR A 552 -5.02 -29.90 -20.98
N PHE A 553 -5.26 -29.29 -19.83
CA PHE A 553 -5.78 -29.99 -18.67
C PHE A 553 -7.30 -29.93 -18.56
N ARG A 554 -7.99 -29.51 -19.62
CA ARG A 554 -9.46 -29.48 -19.67
C ARG A 554 -10.04 -28.67 -18.51
N LEU A 555 -9.42 -27.52 -18.25
CA LEU A 555 -9.94 -26.58 -17.27
C LEU A 555 -11.16 -25.87 -17.85
N ASP A 556 -12.22 -25.77 -17.04
CA ASP A 556 -13.41 -25.04 -17.44
C ASP A 556 -13.42 -23.63 -16.86
N THR A 557 -13.21 -23.51 -15.55
CA THR A 557 -13.06 -22.20 -14.94
C THR A 557 -11.76 -21.55 -15.40
N PRO A 558 -11.71 -20.23 -15.52
CA PRO A 558 -10.51 -19.58 -16.06
C PRO A 558 -9.30 -19.78 -15.15
N LEU A 559 -8.12 -19.75 -15.76
CA LEU A 559 -6.86 -19.88 -15.05
C LEU A 559 -6.20 -18.52 -14.94
N TYR A 560 -5.84 -18.13 -13.72
CA TYR A 560 -5.29 -16.81 -13.45
C TYR A 560 -3.78 -16.89 -13.25
N PHE A 561 -3.17 -15.72 -13.10
CA PHE A 561 -1.73 -15.61 -12.89
C PHE A 561 -1.43 -15.38 -11.42
N SER A 562 -0.42 -16.07 -10.90
CA SER A 562 -0.02 -15.94 -9.50
C SER A 562 1.36 -15.32 -9.37
N TYR A 563 2.38 -15.94 -9.97
CA TYR A 563 3.74 -15.40 -9.93
C TYR A 563 4.51 -15.93 -11.12
N SER A 564 5.56 -15.20 -11.49
CA SER A 564 6.41 -15.57 -12.61
C SER A 564 7.70 -14.77 -12.51
N HIS A 565 8.84 -15.47 -12.60
CA HIS A 565 10.13 -14.79 -12.58
C HIS A 565 11.12 -15.58 -13.42
N LEU A 566 11.88 -14.87 -14.25
CA LEU A 566 12.93 -15.47 -15.05
C LEU A 566 14.21 -15.50 -14.22
N VAL A 567 14.82 -16.68 -14.11
CA VAL A 567 15.93 -16.90 -13.19
C VAL A 567 17.08 -17.57 -13.92
N CYS A 568 18.28 -17.46 -13.32
CA CYS A 568 19.48 -18.08 -13.84
C CYS A 568 20.32 -18.58 -12.68
N ARG A 569 20.86 -19.80 -12.82
CA ARG A 569 21.66 -20.43 -11.79
C ARG A 569 23.10 -20.57 -12.27
N THR A 570 24.04 -20.08 -11.47
CA THR A 570 25.45 -20.12 -11.78
C THR A 570 26.15 -21.10 -10.84
N ALA A 571 26.92 -22.03 -11.42
CA ALA A 571 27.64 -23.03 -10.66
C ALA A 571 29.10 -22.61 -10.52
N ILE A 572 29.46 -22.12 -9.33
CA ILE A 572 30.84 -21.74 -9.06
C ILE A 572 31.65 -22.99 -8.74
N GLU A 573 32.80 -23.13 -9.39
CA GLU A 573 33.61 -24.34 -9.32
C GLU A 573 34.58 -24.34 -8.13
N GLU A 574 34.33 -23.52 -7.11
CA GLU A 574 35.18 -23.48 -5.94
C GLU A 574 34.49 -23.97 -4.67
N VAL A 575 33.18 -24.14 -4.69
CA VAL A 575 32.42 -24.65 -3.55
C VAL A 575 31.98 -26.09 -3.80
N GLN A 576 32.34 -26.64 -4.96
CA GLN A 576 31.88 -27.96 -5.37
C GLN A 576 32.54 -29.10 -4.61
N ALA A 577 33.64 -28.84 -3.89
CA ALA A 577 34.35 -29.89 -3.18
C ALA A 577 33.52 -30.40 -2.02
N GLU A 578 33.37 -31.73 -1.93
CA GLU A 578 32.62 -32.38 -0.86
C GLU A 578 31.20 -31.86 -0.78
N ARG A 579 30.59 -31.60 -1.93
CA ARG A 579 29.21 -31.11 -1.99
C ARG A 579 28.27 -32.28 -2.26
N LYS A 580 28.22 -33.19 -1.27
CA LYS A 580 27.38 -34.36 -1.37
C LYS A 580 25.90 -34.06 -1.15
N ASP A 581 25.58 -33.05 -0.35
CA ASP A 581 24.19 -32.72 -0.06
C ASP A 581 23.47 -32.25 -1.31
N ASP A 582 22.18 -32.57 -1.39
CA ASP A 582 21.37 -32.16 -2.53
C ASP A 582 21.19 -30.64 -2.55
N SER A 583 21.19 -30.08 -3.76
CA SER A 583 21.10 -28.63 -3.90
C SER A 583 19.76 -28.11 -3.40
N HIS A 584 18.66 -28.81 -3.72
CA HIS A 584 17.33 -28.36 -3.36
C HIS A 584 16.53 -29.54 -2.83
N PRO A 585 15.89 -29.40 -1.66
CA PRO A 585 15.14 -30.52 -1.09
C PRO A 585 13.89 -30.83 -1.89
N VAL A 586 13.49 -32.10 -1.85
CA VAL A 586 12.23 -32.52 -2.44
C VAL A 586 11.08 -31.97 -1.60
N HIS A 587 10.13 -31.31 -2.27
CA HIS A 587 9.03 -30.66 -1.58
C HIS A 587 7.83 -30.58 -2.51
N VAL A 588 6.78 -29.90 -2.03
CA VAL A 588 5.59 -29.63 -2.82
C VAL A 588 5.28 -28.15 -2.73
N ASP A 589 4.56 -27.64 -3.72
CA ASP A 589 4.30 -26.21 -3.83
C ASP A 589 3.09 -25.75 -3.03
N ASN A 590 2.03 -26.56 -2.98
CA ASN A 590 0.80 -26.13 -2.32
C ASN A 590 0.93 -26.12 -0.81
N CYS A 591 1.47 -27.18 -0.22
CA CYS A 591 1.59 -27.31 1.22
C CYS A 591 3.06 -27.44 1.61
N ILE A 592 3.31 -27.71 2.89
CA ILE A 592 4.66 -27.87 3.42
C ILE A 592 4.89 -29.36 3.65
N LEU A 593 5.74 -29.96 2.83
CA LEU A 593 6.05 -31.38 2.99
C LEU A 593 6.91 -31.58 4.21
N ASN A 594 6.61 -32.64 4.97
CA ASN A 594 7.38 -32.99 6.15
C ASN A 594 8.33 -34.15 5.83
N ALA A 595 9.06 -34.59 6.86
CA ALA A 595 10.06 -35.63 6.69
C ALA A 595 9.83 -36.85 7.56
N GLU A 596 8.79 -36.87 8.40
CA GLU A 596 8.52 -38.00 9.27
C GLU A 596 7.21 -38.71 8.92
N THR A 597 6.10 -37.99 8.91
CA THR A 597 4.79 -38.57 8.65
C THR A 597 4.34 -38.39 7.20
N LEU A 598 5.18 -37.79 6.35
CA LEU A 598 4.91 -37.65 4.91
C LEU A 598 3.53 -37.05 4.63
N VAL A 599 3.13 -36.09 5.46
CA VAL A 599 1.85 -35.41 5.32
C VAL A 599 2.08 -33.91 5.39
N CYS A 600 1.37 -33.16 4.55
CA CYS A 600 1.52 -31.72 4.46
C CYS A 600 0.25 -31.03 4.94
N VAL A 601 0.42 -29.84 5.50
CA VAL A 601 -0.69 -29.02 5.98
C VAL A 601 -0.89 -27.84 5.04
N LYS A 602 -2.12 -27.62 4.61
CA LYS A 602 -2.48 -26.50 3.76
C LYS A 602 -2.73 -25.30 4.68
N GLU A 603 -1.63 -24.67 5.08
CA GLU A 603 -1.67 -23.68 6.14
C GLU A 603 -1.08 -22.38 5.62
N PRO A 604 -1.36 -21.24 6.27
CA PRO A 604 -0.95 -19.93 5.71
C PRO A 604 0.55 -19.76 5.47
N PRO A 605 1.44 -20.32 6.29
CA PRO A 605 2.87 -20.06 6.01
C PRO A 605 3.33 -20.61 4.66
N ALA A 606 2.60 -21.55 4.09
CA ALA A 606 2.76 -21.91 2.69
C ALA A 606 1.68 -21.26 1.83
N TYR A 607 1.87 -21.32 0.52
CA TYR A 607 0.91 -20.75 -0.43
C TYR A 607 -0.12 -21.82 -0.78
N THR A 608 -1.31 -21.70 -0.22
CA THR A 608 -2.36 -22.70 -0.40
C THR A 608 -3.24 -22.42 -1.61
N PHE A 609 -3.04 -21.32 -2.31
CA PHE A 609 -3.90 -20.98 -3.45
C PHE A 609 -3.34 -21.45 -4.78
N ARG A 610 -2.03 -21.71 -4.87
CA ARG A 610 -1.44 -22.18 -6.11
C ARG A 610 -1.98 -23.55 -6.48
N ASP A 611 -2.34 -23.71 -7.75
CA ASP A 611 -2.90 -24.96 -8.25
C ASP A 611 -2.04 -25.63 -9.31
N TYR A 612 -1.62 -24.88 -10.33
CA TYR A 612 -0.86 -25.42 -11.43
C TYR A 612 0.50 -24.74 -11.52
N SER A 613 1.49 -25.48 -12.01
CA SER A 613 2.86 -24.98 -12.13
C SER A 613 3.44 -25.43 -13.45
N ALA A 614 4.40 -24.65 -13.96
CA ALA A 614 5.06 -24.97 -15.21
C ALA A 614 6.49 -24.43 -15.19
N ILE A 615 7.37 -25.12 -15.91
CA ILE A 615 8.77 -24.71 -16.05
C ILE A 615 9.13 -24.80 -17.53
N LEU A 616 9.71 -23.72 -18.05
CA LEU A 616 10.12 -23.65 -19.45
C LEU A 616 11.62 -23.41 -19.51
N TYR A 617 12.34 -24.27 -20.23
CA TYR A 617 13.80 -24.23 -20.28
C TYR A 617 14.25 -23.53 -21.56
N LEU A 618 15.34 -22.76 -21.45
CA LEU A 618 15.83 -21.97 -22.58
C LEU A 618 17.13 -22.48 -23.18
N ASN A 619 17.80 -23.45 -22.55
CA ASN A 619 19.06 -23.96 -23.08
C ASN A 619 19.31 -25.35 -22.54
N GLY A 620 20.26 -26.05 -23.18
CA GLY A 620 20.65 -27.37 -22.75
C GLY A 620 22.16 -27.55 -22.71
N ASP A 621 22.90 -26.46 -22.67
CA ASP A 621 24.37 -26.52 -22.66
C ASP A 621 24.88 -26.36 -21.23
N PHE A 622 24.79 -27.46 -20.49
CA PHE A 622 25.28 -27.56 -19.11
C PHE A 622 25.11 -29.00 -18.67
N ASP A 623 25.74 -29.33 -17.54
CA ASP A 623 25.75 -30.68 -17.00
C ASP A 623 25.06 -30.71 -15.64
N GLY A 624 24.35 -31.79 -15.36
CA GLY A 624 23.62 -31.90 -14.12
C GLY A 624 22.34 -31.06 -14.13
N GLY A 625 21.88 -30.73 -12.93
CA GLY A 625 20.73 -29.86 -12.78
C GLY A 625 19.45 -30.41 -13.37
N ASN A 626 19.21 -31.70 -13.21
CA ASN A 626 18.03 -32.34 -13.76
C ASN A 626 16.79 -31.99 -12.93
N PHE A 627 15.64 -32.38 -13.45
CA PHE A 627 14.35 -32.21 -12.79
C PHE A 627 13.70 -33.58 -12.63
N TYR A 628 13.41 -33.96 -11.39
CA TYR A 628 12.91 -35.30 -11.11
C TYR A 628 11.72 -35.23 -10.16
N PHE A 629 10.73 -36.06 -10.44
CA PHE A 629 9.55 -36.22 -9.59
C PHE A 629 9.82 -37.33 -8.57
N THR A 630 9.39 -37.10 -7.33
CA THR A 630 9.66 -38.01 -6.23
C THR A 630 8.36 -38.36 -5.53
N GLU A 631 8.32 -39.53 -4.91
CA GLU A 631 7.17 -39.94 -4.12
C GLU A 631 7.17 -39.21 -2.78
N LEU A 632 6.13 -39.46 -1.98
CA LEU A 632 5.95 -38.75 -0.72
C LEU A 632 7.09 -39.00 0.25
N ASP A 633 7.80 -40.11 0.11
CA ASP A 633 8.92 -40.43 0.99
C ASP A 633 10.14 -39.55 0.76
N ALA A 634 10.13 -38.73 -0.29
CA ALA A 634 11.23 -37.82 -0.64
C ALA A 634 12.52 -38.57 -0.98
N LYS A 635 12.44 -39.89 -1.18
CA LYS A 635 13.60 -40.69 -1.56
C LYS A 635 13.45 -41.32 -2.93
N THR A 636 12.35 -42.06 -3.17
CA THR A 636 12.20 -42.85 -4.38
C THR A 636 11.94 -41.94 -5.58
N VAL A 637 12.93 -41.81 -6.45
CA VAL A 637 12.76 -41.06 -7.70
C VAL A 637 11.87 -41.86 -8.63
N THR A 638 10.85 -41.19 -9.17
CA THR A 638 9.88 -41.85 -10.05
C THR A 638 10.11 -41.54 -11.53
N ALA A 639 10.37 -40.28 -11.88
CA ALA A 639 10.60 -39.92 -13.28
C ALA A 639 11.49 -38.69 -13.33
N GLU A 640 12.31 -38.62 -14.37
CA GLU A 640 13.23 -37.51 -14.57
C GLU A 640 13.09 -36.98 -16.01
N VAL A 641 13.34 -35.69 -16.17
CA VAL A 641 13.27 -35.04 -17.47
C VAL A 641 14.63 -34.41 -17.77
N GLN A 642 14.88 -34.18 -19.05
CA GLN A 642 16.16 -33.63 -19.50
C GLN A 642 15.94 -32.24 -20.06
N PRO A 643 16.50 -31.20 -19.46
CA PRO A 643 16.30 -29.84 -19.96
C PRO A 643 16.87 -29.68 -21.38
N GLN A 644 16.14 -28.94 -22.20
CA GLN A 644 16.54 -28.62 -23.56
C GLN A 644 15.97 -27.25 -23.92
N CYS A 645 15.95 -26.93 -25.21
CA CYS A 645 15.43 -25.65 -25.68
C CYS A 645 13.95 -25.82 -26.01
N GLY A 646 13.09 -25.06 -25.32
CA GLY A 646 11.67 -25.09 -25.58
C GLY A 646 10.91 -26.19 -24.87
N ARG A 647 11.54 -26.91 -23.95
CA ARG A 647 10.86 -27.98 -23.22
C ARG A 647 10.09 -27.39 -22.05
N ALA A 648 8.82 -27.72 -21.94
CA ALA A 648 7.96 -27.26 -20.87
C ALA A 648 7.47 -28.45 -20.05
N VAL A 649 7.60 -28.35 -18.73
CA VAL A 649 7.12 -29.38 -17.81
C VAL A 649 5.92 -28.81 -17.08
N GLY A 650 4.75 -29.42 -17.29
CA GLY A 650 3.51 -28.96 -16.69
C GLY A 650 2.93 -30.02 -15.76
N PHE A 651 2.79 -29.64 -14.49
CA PHE A 651 2.25 -30.55 -13.49
C PHE A 651 1.33 -29.76 -12.56
N SER A 652 0.41 -30.48 -11.92
CA SER A 652 -0.40 -29.88 -10.87
C SER A 652 0.44 -29.73 -9.61
N SER A 653 0.22 -28.64 -8.89
CA SER A 653 1.06 -28.29 -7.74
C SER A 653 0.52 -28.84 -6.43
N GLY A 654 -0.22 -29.94 -6.48
CA GLY A 654 -0.75 -30.55 -5.28
C GLY A 654 0.27 -31.43 -4.58
N THR A 655 -0.22 -32.23 -3.64
CA THR A 655 0.64 -33.11 -2.88
C THR A 655 0.97 -34.40 -3.61
N GLU A 656 0.39 -34.62 -4.79
CA GLU A 656 0.67 -35.83 -5.57
C GLU A 656 1.91 -35.70 -6.44
N ASN A 657 2.52 -34.52 -6.50
CA ASN A 657 3.69 -34.27 -7.35
C ASN A 657 4.78 -33.58 -6.55
N PRO A 658 5.47 -34.32 -5.68
CA PRO A 658 6.69 -33.77 -5.07
C PRO A 658 7.84 -33.79 -6.07
N HIS A 659 8.49 -32.63 -6.22
CA HIS A 659 9.54 -32.45 -7.22
C HIS A 659 10.82 -32.00 -6.55
N GLY A 660 11.91 -32.05 -7.31
CA GLY A 660 13.20 -31.59 -6.83
C GLY A 660 14.17 -31.39 -7.96
N VAL A 661 15.07 -30.44 -7.80
CA VAL A 661 16.08 -30.11 -8.80
C VAL A 661 17.44 -30.55 -8.27
N LYS A 662 18.22 -31.20 -9.12
CA LYS A 662 19.54 -31.68 -8.73
C LYS A 662 20.53 -30.52 -8.68
N ALA A 663 21.80 -30.83 -8.46
CA ALA A 663 22.84 -29.80 -8.35
C ALA A 663 23.49 -29.60 -9.70
N VAL A 664 23.69 -28.33 -10.07
CA VAL A 664 24.24 -27.98 -11.37
C VAL A 664 25.76 -27.90 -11.28
N THR A 665 26.42 -28.16 -12.41
CA THR A 665 27.86 -28.07 -12.54
C THR A 665 28.17 -27.03 -13.62
N ARG A 666 29.43 -26.98 -14.04
CA ARG A 666 29.92 -26.02 -15.03
C ARG A 666 28.92 -25.80 -16.15
N GLY A 667 28.61 -24.55 -16.43
CA GLY A 667 27.63 -24.15 -17.41
C GLY A 667 26.62 -23.19 -16.85
N GLN A 668 25.57 -22.96 -17.64
CA GLN A 668 24.49 -22.05 -17.28
C GLN A 668 23.15 -22.75 -17.42
N ARG A 669 22.26 -22.48 -16.46
CA ARG A 669 20.89 -22.98 -16.50
C ARG A 669 19.94 -21.79 -16.35
N CYS A 670 19.06 -21.61 -17.33
CA CYS A 670 18.10 -20.52 -17.33
C CYS A 670 16.72 -21.08 -17.65
N ALA A 671 15.72 -20.68 -16.87
CA ALA A 671 14.37 -21.17 -17.06
C ALA A 671 13.38 -20.16 -16.50
N ILE A 672 12.13 -20.27 -16.94
CA ILE A 672 11.04 -19.43 -16.47
C ILE A 672 10.12 -20.29 -15.64
N ALA A 673 9.88 -19.88 -14.40
CA ALA A 673 9.00 -20.60 -13.49
C ALA A 673 7.65 -19.88 -13.41
N LEU A 674 6.58 -20.63 -13.63
CA LEU A 674 5.23 -20.07 -13.69
C LEU A 674 4.32 -20.79 -12.71
N TRP A 675 3.50 -20.02 -11.99
CA TRP A 675 2.52 -20.55 -11.06
C TRP A 675 1.16 -19.91 -11.35
N PHE A 676 0.12 -20.74 -11.41
CA PHE A 676 -1.23 -20.29 -11.70
C PHE A 676 -2.16 -20.63 -10.54
N THR A 677 -3.23 -19.85 -10.42
CA THR A 677 -4.25 -20.09 -9.41
C THR A 677 -5.61 -20.23 -10.09
N LEU A 678 -6.54 -20.83 -9.35
CA LEU A 678 -7.94 -20.90 -9.77
C LEU A 678 -8.82 -19.94 -8.99
N ASP A 679 -8.22 -19.10 -8.15
CA ASP A 679 -8.95 -18.16 -7.30
C ASP A 679 -8.78 -16.75 -7.84
N PRO A 680 -9.86 -16.09 -8.28
CA PRO A 680 -9.71 -14.71 -8.77
C PRO A 680 -9.23 -13.73 -7.72
N ARG A 681 -9.46 -14.01 -6.43
CA ARG A 681 -8.98 -13.12 -5.38
C ARG A 681 -7.47 -13.03 -5.37
N HIS A 682 -6.79 -14.17 -5.49
CA HIS A 682 -5.33 -14.23 -5.41
C HIS A 682 -4.76 -14.28 -6.82
N SER A 683 -4.65 -13.10 -7.43
CA SER A 683 -4.05 -12.95 -8.75
C SER A 683 -2.80 -12.10 -8.65
N GLU A 684 -2.01 -12.11 -9.73
CA GLU A 684 -0.80 -11.29 -9.77
C GLU A 684 -1.20 -9.83 -9.89
N ARG A 685 -1.00 -9.06 -8.81
CA ARG A 685 -1.36 -7.65 -8.81
C ARG A 685 -0.45 -6.81 -9.69
N ASP A 686 0.69 -7.34 -10.12
CA ASP A 686 1.59 -6.64 -11.01
C ASP A 686 1.31 -6.89 -12.49
N ARG A 687 0.40 -7.82 -12.81
CA ARG A 687 0.06 -8.07 -14.20
C ARG A 687 -0.86 -7.00 -14.77
N VAL A 688 -1.67 -6.36 -13.93
CA VAL A 688 -2.50 -5.26 -14.41
C VAL A 688 -1.64 -4.10 -14.88
N GLN A 689 -0.61 -3.75 -14.10
CA GLN A 689 0.28 -2.66 -14.50
C GLN A 689 1.14 -3.07 -15.68
N ALA A 690 1.52 -4.35 -15.77
CA ALA A 690 2.24 -4.82 -16.94
C ALA A 690 1.40 -4.68 -18.20
N ASP A 691 0.11 -5.04 -18.13
CA ASP A 691 -0.78 -4.86 -19.27
C ASP A 691 -0.96 -3.39 -19.60
N ASP A 692 -1.08 -2.54 -18.57
CA ASP A 692 -1.20 -1.11 -18.82
C ASP A 692 0.03 -0.55 -19.54
N LEU A 693 1.22 -0.97 -19.12
CA LEU A 693 2.44 -0.54 -19.80
C LEU A 693 2.50 -1.07 -21.22
N VAL A 694 2.12 -2.32 -21.43
CA VAL A 694 2.17 -2.91 -22.77
C VAL A 694 1.22 -2.18 -23.71
N LYS A 695 0.03 -1.80 -23.21
CA LYS A 695 -0.95 -1.15 -24.05
C LYS A 695 -0.46 0.20 -24.57
N MET A 696 0.16 1.00 -23.70
CA MET A 696 0.51 2.37 -24.08
C MET A 696 1.83 2.46 -24.83
N LEU A 697 2.77 1.54 -24.60
CA LEU A 697 4.06 1.62 -25.27
C LEU A 697 4.00 1.16 -26.71
N PHE A 698 3.19 0.15 -27.02
CA PHE A 698 3.17 -0.45 -28.35
C PHE A 698 1.89 -0.18 -29.13
N SER A 699 0.77 0.09 -28.45
CA SER A 699 -0.52 0.34 -29.12
C SER A 699 -1.12 1.63 -28.57
N PRO A 700 -0.56 2.79 -28.94
CA PRO A 700 -1.06 4.07 -28.45
C PRO A 700 -2.17 4.64 -29.33
N GLN B 27 17.52 28.50 -25.23
CA GLN B 27 17.02 27.17 -24.92
C GLN B 27 15.50 27.13 -24.96
N TYR B 28 14.86 28.23 -24.57
CA TYR B 28 13.41 28.32 -24.54
C TYR B 28 12.83 29.07 -25.72
N GLU B 29 13.66 29.49 -26.68
CA GLU B 29 13.15 30.20 -27.85
C GLU B 29 12.35 29.27 -28.75
N ARG B 30 12.91 28.11 -29.08
CA ARG B 30 12.23 27.13 -29.93
C ARG B 30 11.54 26.05 -29.09
N TYR B 31 10.55 26.49 -28.32
CA TYR B 31 9.77 25.58 -27.48
C TYR B 31 8.29 25.76 -27.80
N SER B 32 7.59 24.64 -28.00
CA SER B 32 6.16 24.65 -28.23
C SER B 32 5.56 23.41 -27.59
N PHE B 33 4.60 23.60 -26.69
CA PHE B 33 4.02 22.48 -25.96
C PHE B 33 3.26 21.53 -26.89
N ARG B 34 2.49 22.07 -27.83
CA ARG B 34 1.65 21.22 -28.67
C ARG B 34 2.49 20.44 -29.67
N SER B 35 3.22 21.13 -30.54
CA SER B 35 4.03 20.49 -31.58
C SER B 35 5.47 20.42 -31.08
N PHE B 36 5.78 19.39 -30.31
CA PHE B 36 7.11 19.17 -29.78
C PHE B 36 7.92 18.33 -30.76
N PRO B 37 9.18 18.68 -31.02
CA PRO B 37 10.02 17.84 -31.88
C PRO B 37 10.24 16.47 -31.26
N ARG B 38 9.86 15.43 -32.01
CA ARG B 38 9.93 14.07 -31.50
C ARG B 38 11.34 13.51 -31.46
N ASP B 39 12.33 14.24 -32.00
CA ASP B 39 13.69 13.72 -32.05
C ASP B 39 14.36 13.78 -30.68
N GLU B 40 13.94 14.71 -29.83
CA GLU B 40 14.56 14.91 -28.52
C GLU B 40 13.76 14.32 -27.38
N LEU B 41 12.78 13.47 -27.67
CA LEU B 41 11.94 12.88 -26.63
C LEU B 41 12.69 11.73 -25.98
N MET B 42 13.41 12.04 -24.91
CA MET B 42 14.15 11.08 -24.11
C MET B 42 13.87 11.36 -22.64
N PRO B 43 14.06 10.37 -21.77
CA PRO B 43 13.85 10.60 -20.33
C PRO B 43 14.77 11.70 -19.81
N LEU B 44 14.26 12.44 -18.82
CA LEU B 44 15.02 13.55 -18.27
C LEU B 44 16.31 13.07 -17.60
N GLU B 45 16.24 11.95 -16.88
CA GLU B 45 17.41 11.44 -16.17
C GLU B 45 18.52 11.06 -17.14
N SER B 46 18.18 10.42 -18.26
CA SER B 46 19.20 10.02 -19.23
C SER B 46 19.88 11.23 -19.85
N ALA B 47 19.11 12.25 -20.22
CA ALA B 47 19.69 13.45 -20.81
C ALA B 47 20.56 14.18 -19.79
N TYR B 48 20.11 14.27 -18.54
CA TYR B 48 20.92 14.91 -17.51
C TYR B 48 22.22 14.14 -17.26
N ARG B 49 22.15 12.81 -17.23
CA ARG B 49 23.35 12.00 -17.03
C ARG B 49 24.32 12.17 -18.18
N HIS B 50 23.82 12.19 -19.42
CA HIS B 50 24.69 12.42 -20.57
C HIS B 50 25.33 13.79 -20.50
N ALA B 51 24.56 14.81 -20.12
CA ALA B 51 25.11 16.15 -20.02
C ALA B 51 26.20 16.22 -18.96
N LEU B 52 25.97 15.61 -17.80
CA LEU B 52 26.98 15.61 -16.74
C LEU B 52 28.23 14.86 -17.16
N ASP B 53 28.06 13.72 -17.83
CA ASP B 53 29.21 12.94 -18.28
C ASP B 53 30.04 13.72 -19.30
N LYS B 54 29.37 14.39 -20.25
CA LYS B 54 30.10 15.19 -21.22
C LYS B 54 30.74 16.41 -20.57
N TYR B 55 30.10 16.94 -19.52
CA TYR B 55 30.69 18.07 -18.79
C TYR B 55 31.96 17.66 -18.07
N SER B 56 31.96 16.50 -17.42
CA SER B 56 33.16 16.02 -16.75
C SER B 56 34.26 15.64 -17.73
N GLY B 57 33.92 15.37 -18.99
CA GLY B 57 34.87 15.00 -20.01
C GLY B 57 35.50 16.16 -20.76
N GLU B 58 35.33 17.39 -20.27
CA GLU B 58 35.88 18.59 -20.90
C GLU B 58 35.38 18.78 -22.33
N HIS B 59 34.12 18.42 -22.58
CA HIS B 59 33.44 18.73 -23.82
C HIS B 59 32.31 19.71 -23.52
N TRP B 60 32.31 20.83 -24.23
CA TRP B 60 31.43 21.95 -23.90
C TRP B 60 30.16 22.00 -24.75
N ALA B 61 30.29 21.92 -26.08
CA ALA B 61 29.13 22.09 -26.95
C ALA B 61 28.08 21.00 -26.72
N GLU B 62 28.53 19.74 -26.64
CA GLU B 62 27.60 18.64 -26.41
C GLU B 62 26.92 18.77 -25.05
N SER B 63 27.69 19.16 -24.04
CA SER B 63 27.11 19.36 -22.71
C SER B 63 26.09 20.48 -22.72
N VAL B 64 26.37 21.57 -23.44
CA VAL B 64 25.41 22.67 -23.53
C VAL B 64 24.12 22.20 -24.18
N GLY B 65 24.25 21.48 -25.30
CA GLY B 65 23.06 20.98 -25.98
C GLY B 65 22.24 20.05 -25.11
N TYR B 66 22.91 19.12 -24.42
CA TYR B 66 22.18 18.16 -23.59
C TYR B 66 21.53 18.83 -22.39
N LEU B 67 22.20 19.82 -21.78
CA LEU B 67 21.59 20.54 -20.67
C LEU B 67 20.36 21.33 -21.13
N GLU B 68 20.45 21.97 -22.31
CA GLU B 68 19.30 22.70 -22.84
C GLU B 68 18.15 21.74 -23.12
N ILE B 69 18.46 20.56 -23.66
CA ILE B 69 17.42 19.56 -23.91
C ILE B 69 16.76 19.12 -22.62
N SER B 70 17.55 18.94 -21.56
CA SER B 70 16.99 18.54 -20.27
C SER B 70 16.08 19.62 -19.71
N LEU B 71 16.48 20.88 -19.82
CA LEU B 71 15.63 21.97 -19.37
C LEU B 71 14.32 22.01 -20.13
N ARG B 72 14.38 21.83 -21.45
CA ARG B 72 13.16 21.81 -22.26
C ARG B 72 12.27 20.65 -21.87
N LEU B 73 12.87 19.49 -21.57
CA LEU B 73 12.07 18.33 -21.15
C LEU B 73 11.38 18.59 -19.82
N HIS B 74 12.07 19.23 -18.87
CA HIS B 74 11.44 19.54 -17.60
C HIS B 74 10.28 20.51 -17.77
N ARG B 75 10.46 21.54 -18.59
CA ARG B 75 9.36 22.47 -18.84
C ARG B 75 8.19 21.76 -19.53
N LEU B 76 8.48 20.84 -20.44
CA LEU B 76 7.42 20.07 -21.08
C LEU B 76 6.65 19.23 -20.07
N LEU B 77 7.36 18.63 -19.12
CA LEU B 77 6.68 17.85 -18.09
C LEU B 77 5.77 18.72 -17.24
N ARG B 78 6.24 19.91 -16.86
CA ARG B 78 5.39 20.81 -16.08
C ARG B 78 4.16 21.25 -16.86
N ASP B 79 4.34 21.59 -18.15
CA ASP B 79 3.21 22.01 -18.95
C ASP B 79 2.21 20.87 -19.16
N SER B 80 2.70 19.66 -19.34
CA SER B 80 1.81 18.51 -19.48
C SER B 80 1.03 18.26 -18.20
N GLU B 81 1.67 18.41 -17.04
CA GLU B 81 0.95 18.29 -15.78
C GLU B 81 -0.15 19.34 -15.67
N ALA B 82 0.17 20.58 -16.05
CA ALA B 82 -0.83 21.64 -15.98
C ALA B 82 -2.01 21.37 -16.91
N PHE B 83 -1.74 20.90 -18.12
CA PHE B 83 -2.83 20.59 -19.04
C PHE B 83 -3.66 19.42 -18.53
N CYS B 84 -3.00 18.42 -17.95
CA CYS B 84 -3.74 17.28 -17.39
C CYS B 84 -4.64 17.69 -16.25
N HIS B 85 -4.22 18.65 -15.43
CA HIS B 85 -5.06 19.11 -14.34
C HIS B 85 -6.02 20.22 -14.74
N ARG B 86 -5.93 20.75 -15.96
CA ARG B 86 -6.91 21.74 -16.42
C ARG B 86 -8.32 21.17 -16.39
N ASN B 87 -8.53 20.03 -17.06
CA ASN B 87 -9.77 19.28 -16.90
C ASN B 87 -9.62 18.33 -15.71
N CYS B 88 -10.55 17.38 -15.59
CA CYS B 88 -10.56 16.40 -14.50
C CYS B 88 -10.79 17.08 -13.16
N SER B 89 -9.81 17.87 -12.70
CA SER B 89 -9.96 18.57 -11.43
C SER B 89 -11.09 19.60 -11.50
N ALA B 90 -11.09 20.42 -12.55
CA ALA B 90 -12.14 21.42 -12.73
C ALA B 90 -13.20 20.89 -13.70
N ALA B 91 -13.97 19.92 -13.20
CA ALA B 91 -15.02 19.30 -13.98
C ALA B 91 -16.27 19.15 -13.12
N PRO B 92 -17.42 19.62 -13.59
CA PRO B 92 -18.65 19.45 -12.80
C PRO B 92 -19.07 18.00 -12.72
N GLN B 93 -19.75 17.66 -11.62
CA GLN B 93 -20.25 16.32 -11.40
C GLN B 93 -21.75 16.27 -11.64
N PRO B 94 -22.24 15.37 -12.50
CA PRO B 94 -23.69 15.24 -12.67
C PRO B 94 -24.36 14.84 -11.37
N GLU B 95 -25.57 15.36 -11.17
CA GLU B 95 -26.28 15.14 -9.92
C GLU B 95 -26.64 13.66 -9.78
N PRO B 96 -26.33 13.04 -8.64
CA PRO B 96 -26.62 11.60 -8.48
C PRO B 96 -28.09 11.33 -8.21
N ALA B 97 -28.43 10.05 -7.98
CA ALA B 97 -29.80 9.67 -7.73
C ALA B 97 -30.25 10.14 -6.34
N ALA B 98 -31.56 10.04 -6.10
CA ALA B 98 -32.11 10.49 -4.82
C ALA B 98 -31.68 9.58 -3.67
N GLY B 99 -31.51 8.28 -3.94
CA GLY B 99 -31.15 7.35 -2.89
C GLY B 99 -29.75 7.53 -2.34
N LEU B 100 -28.85 8.12 -3.11
CA LEU B 100 -27.47 8.30 -2.68
C LEU B 100 -27.30 9.48 -1.75
N ALA B 101 -28.28 10.39 -1.69
CA ALA B 101 -28.14 11.61 -0.91
C ALA B 101 -28.08 11.38 0.59
N SER B 102 -28.46 10.21 1.08
CA SER B 102 -28.46 9.93 2.51
C SER B 102 -27.13 9.38 3.01
N TYR B 103 -26.18 9.11 2.12
CA TYR B 103 -24.86 8.57 2.48
C TYR B 103 -23.80 9.52 1.95
N PRO B 104 -23.28 10.43 2.79
CA PRO B 104 -22.33 11.43 2.27
C PRO B 104 -20.95 10.85 1.95
N GLU B 105 -20.48 9.89 2.75
CA GLU B 105 -19.16 9.31 2.52
C GLU B 105 -19.08 8.66 1.16
N LEU B 106 -20.13 7.93 0.77
CA LEU B 106 -20.15 7.28 -0.54
C LEU B 106 -20.11 8.33 -1.65
N ARG B 107 -20.84 9.43 -1.49
CA ARG B 107 -20.80 10.49 -2.50
C ARG B 107 -19.39 11.07 -2.64
N LEU B 108 -18.77 11.41 -1.51
CA LEU B 108 -17.44 12.03 -1.56
C LEU B 108 -16.43 11.09 -2.21
N PHE B 109 -16.43 9.83 -1.81
CA PHE B 109 -15.39 8.94 -2.33
C PHE B 109 -15.72 8.45 -3.74
N GLY B 110 -16.99 8.41 -4.13
CA GLY B 110 -17.30 8.17 -5.53
C GLY B 110 -16.85 9.29 -6.43
N GLY B 111 -17.03 10.54 -5.97
CA GLY B 111 -16.46 11.66 -6.71
C GLY B 111 -14.95 11.59 -6.81
N LEU B 112 -14.29 11.18 -5.72
CA LEU B 112 -12.84 11.02 -5.75
C LEU B 112 -12.42 9.94 -6.74
N LEU B 113 -13.15 8.82 -6.78
CA LEU B 113 -12.83 7.76 -7.74
C LEU B 113 -13.03 8.24 -9.18
N ARG B 114 -14.11 8.98 -9.43
CA ARG B 114 -14.33 9.51 -10.77
C ARG B 114 -13.20 10.45 -11.18
N ARG B 115 -12.78 11.33 -10.28
CA ARG B 115 -11.69 12.24 -10.60
C ARG B 115 -10.38 11.49 -10.85
N ALA B 116 -10.10 10.46 -10.04
CA ALA B 116 -8.89 9.67 -10.24
C ALA B 116 -8.91 8.96 -11.59
N HIS B 117 -10.06 8.40 -11.97
CA HIS B 117 -10.17 7.74 -13.27
C HIS B 117 -9.97 8.73 -14.40
N CYS B 118 -10.54 9.93 -14.28
CA CYS B 118 -10.34 10.95 -15.31
C CYS B 118 -8.87 11.34 -15.44
N LEU B 119 -8.19 11.49 -14.31
CA LEU B 119 -6.77 11.82 -14.34
C LEU B 119 -5.96 10.70 -15.00
N LYS B 120 -6.26 9.45 -14.64
CA LYS B 120 -5.54 8.32 -15.23
C LYS B 120 -5.76 8.24 -16.73
N ARG B 121 -7.00 8.47 -17.18
CA ARG B 121 -7.25 8.49 -18.62
C ARG B 121 -6.49 9.62 -19.31
N CYS B 122 -6.48 10.80 -18.70
CA CYS B 122 -5.88 11.96 -19.37
C CYS B 122 -4.37 11.86 -19.45
N LYS B 123 -3.73 11.26 -18.43
CA LYS B 123 -2.27 11.24 -18.39
C LYS B 123 -1.68 10.39 -19.51
N GLN B 124 -2.33 9.27 -19.84
CA GLN B 124 -1.74 8.31 -20.77
C GLN B 124 -1.61 8.88 -22.19
N GLY B 125 -2.41 9.90 -22.52
CA GLY B 125 -2.44 10.36 -23.90
C GLY B 125 -1.29 11.28 -24.26
N LEU B 126 -0.68 11.92 -23.27
CA LEU B 126 0.31 12.95 -23.55
C LEU B 126 1.68 12.34 -23.81
N PRO B 127 2.45 12.90 -24.75
CA PRO B 127 3.78 12.35 -25.03
C PRO B 127 4.74 12.42 -23.86
N ALA B 128 4.62 13.43 -23.00
CA ALA B 128 5.58 13.61 -21.92
C ALA B 128 5.41 12.55 -20.83
N PHE B 129 4.28 11.86 -20.79
CA PHE B 129 4.00 10.89 -19.74
C PHE B 129 4.25 9.45 -20.17
N ARG B 130 4.67 9.22 -21.41
CA ARG B 130 4.94 7.87 -21.90
C ARG B 130 6.41 7.48 -21.77
N GLN B 131 7.25 8.36 -21.25
CA GLN B 131 8.65 8.06 -20.98
C GLN B 131 8.80 7.55 -19.55
N SER B 132 10.04 7.44 -19.10
CA SER B 132 10.32 7.05 -17.73
C SER B 132 10.33 8.29 -16.85
N GLN B 133 9.45 8.31 -15.85
CA GLN B 133 9.34 9.49 -15.00
C GLN B 133 10.55 9.59 -14.08
N PRO B 134 11.06 10.80 -13.84
CA PRO B 134 12.24 10.94 -12.99
C PRO B 134 11.91 10.73 -11.52
N SER B 135 12.97 10.51 -10.74
CA SER B 135 12.81 10.33 -9.31
C SER B 135 12.55 11.68 -8.62
N ARG B 136 12.33 11.62 -7.31
CA ARG B 136 12.02 12.83 -6.56
C ARG B 136 13.27 13.69 -6.36
N GLU B 137 14.45 13.08 -6.24
CA GLU B 137 15.66 13.87 -6.02
C GLU B 137 16.04 14.66 -7.27
N VAL B 138 15.80 14.10 -8.46
CA VAL B 138 16.07 14.84 -9.69
C VAL B 138 15.14 16.04 -9.80
N LEU B 139 13.85 15.85 -9.46
CA LEU B 139 12.92 16.97 -9.48
C LEU B 139 13.31 18.02 -8.45
N ALA B 140 13.75 17.60 -7.27
CA ALA B 140 14.20 18.55 -6.25
C ALA B 140 15.40 19.34 -6.75
N ASP B 141 16.34 18.68 -7.42
CA ASP B 141 17.48 19.37 -7.99
C ASP B 141 17.05 20.38 -9.05
N PHE B 142 16.10 19.99 -9.91
CA PHE B 142 15.67 20.89 -10.97
C PHE B 142 14.87 22.08 -10.43
N GLN B 143 14.20 21.90 -9.29
CA GLN B 143 13.47 23.01 -8.68
C GLN B 143 14.39 23.98 -7.94
N ARG B 144 15.64 23.60 -7.71
CA ARG B 144 16.62 24.49 -7.08
C ARG B 144 17.46 25.25 -8.10
N ARG B 145 17.15 25.12 -9.39
CA ARG B 145 17.82 25.85 -10.46
C ARG B 145 19.32 25.55 -10.50
N GLU B 146 19.72 24.36 -10.06
CA GLU B 146 21.13 24.00 -10.01
C GLU B 146 21.77 23.76 -11.39
N PRO B 147 21.06 23.29 -12.42
CA PRO B 147 21.75 23.07 -13.71
C PRO B 147 22.33 24.35 -14.32
N TYR B 148 21.86 25.52 -13.89
CA TYR B 148 22.35 26.77 -14.47
C TYR B 148 23.81 27.03 -14.12
N LYS B 149 24.33 26.44 -13.05
CA LYS B 149 25.76 26.58 -12.77
C LYS B 149 26.60 25.96 -13.87
N PHE B 150 26.32 24.69 -14.19
CA PHE B 150 27.02 24.03 -15.29
C PHE B 150 26.73 24.73 -16.61
N LEU B 151 25.49 25.19 -16.79
CA LEU B 151 25.13 25.87 -18.03
C LEU B 151 25.96 27.12 -18.24
N GLN B 152 26.11 27.94 -17.20
CA GLN B 152 26.87 29.19 -17.33
C GLN B 152 28.35 28.91 -17.48
N PHE B 153 28.88 27.90 -16.77
CA PHE B 153 30.30 27.58 -16.93
C PHE B 153 30.59 27.12 -18.36
N ALA B 154 29.73 26.24 -18.89
CA ALA B 154 29.93 25.75 -20.25
C ALA B 154 29.72 26.86 -21.28
N TYR B 155 28.78 27.77 -21.02
CA TYR B 155 28.59 28.90 -21.93
C TYR B 155 29.81 29.80 -21.95
N PHE B 156 30.38 30.08 -20.77
CA PHE B 156 31.57 30.93 -20.72
C PHE B 156 32.75 30.25 -21.39
N LYS B 157 32.90 28.94 -21.22
CA LYS B 157 33.97 28.22 -21.88
C LYS B 157 33.71 27.95 -23.36
N ALA B 158 32.68 28.57 -23.95
CA ALA B 158 32.39 28.37 -25.36
C ALA B 158 32.01 29.67 -26.07
N ASN B 159 32.49 30.82 -25.59
CA ASN B 159 32.24 32.12 -26.21
C ASN B 159 30.74 32.41 -26.30
N ASN B 160 30.09 32.43 -25.14
CA ASN B 160 28.67 32.75 -25.03
C ASN B 160 28.44 33.65 -23.82
N LEU B 161 29.26 34.70 -23.70
CA LEU B 161 29.27 35.56 -22.52
C LEU B 161 27.91 36.14 -22.16
N PRO B 162 27.11 36.69 -23.09
CA PRO B 162 25.78 37.16 -22.69
C PRO B 162 24.91 36.06 -22.10
N LYS B 163 24.95 34.86 -22.69
CA LYS B 163 24.20 33.74 -22.13
C LYS B 163 24.76 33.36 -20.77
N ALA B 164 26.08 33.48 -20.58
CA ALA B 164 26.68 33.16 -19.30
C ALA B 164 26.19 34.10 -18.21
N ILE B 165 26.17 35.41 -18.48
CA ILE B 165 25.70 36.34 -17.46
C ILE B 165 24.20 36.17 -17.23
N ALA B 166 23.44 35.88 -18.29
CA ALA B 166 22.01 35.63 -18.09
C ALA B 166 21.77 34.43 -17.19
N ALA B 167 22.52 33.34 -17.41
CA ALA B 167 22.36 32.16 -16.56
C ALA B 167 22.81 32.44 -15.12
N ALA B 168 23.89 33.21 -14.96
CA ALA B 168 24.36 33.55 -13.62
C ALA B 168 23.32 34.37 -12.88
N HIS B 169 22.71 35.35 -13.55
CA HIS B 169 21.66 36.14 -12.92
C HIS B 169 20.44 35.29 -12.60
N THR B 170 20.08 34.37 -13.50
CA THR B 170 18.94 33.49 -13.25
C THR B 170 19.17 32.63 -12.02
N PHE B 171 20.37 32.09 -11.87
CA PHE B 171 20.67 31.31 -10.68
C PHE B 171 20.71 32.16 -9.42
N LEU B 172 21.29 33.36 -9.51
CA LEU B 172 21.43 34.21 -8.32
C LEU B 172 20.10 34.79 -7.87
N LEU B 173 19.11 34.86 -8.77
CA LEU B 173 17.79 35.33 -8.36
C LEU B 173 17.17 34.39 -7.33
N LYS B 174 17.28 33.07 -7.56
CA LYS B 174 16.73 32.10 -6.62
C LYS B 174 17.62 31.93 -5.39
N HIS B 175 18.94 32.05 -5.55
CA HIS B 175 19.89 31.84 -4.46
C HIS B 175 20.76 33.08 -4.31
N PRO B 176 20.29 34.08 -3.58
CA PRO B 176 21.07 35.31 -3.36
C PRO B 176 22.10 35.24 -2.25
N ASP B 177 22.43 34.06 -1.75
CA ASP B 177 23.39 33.90 -0.66
C ASP B 177 24.54 32.97 -1.01
N ASP B 178 24.92 32.93 -2.28
CA ASP B 178 26.01 32.07 -2.74
C ASP B 178 27.28 32.89 -2.93
N GLU B 179 28.39 32.36 -2.42
CA GLU B 179 29.67 33.06 -2.47
C GLU B 179 30.37 32.93 -3.82
N MET B 180 30.53 31.69 -4.30
CA MET B 180 31.23 31.48 -5.56
C MET B 180 30.46 32.09 -6.73
N MET B 181 29.13 31.96 -6.72
CA MET B 181 28.33 32.55 -7.78
C MET B 181 28.42 34.06 -7.77
N LYS B 182 28.45 34.66 -6.57
CA LYS B 182 28.67 36.09 -6.48
C LYS B 182 30.03 36.47 -7.03
N ARG B 183 31.05 35.63 -6.79
CA ARG B 183 32.38 35.92 -7.32
C ARG B 183 32.39 35.89 -8.84
N ASN B 184 31.78 34.87 -9.45
CA ASN B 184 31.73 34.84 -10.90
C ASN B 184 30.89 35.97 -11.47
N MET B 185 29.82 36.36 -10.77
CA MET B 185 29.02 37.50 -11.23
C MET B 185 29.84 38.79 -11.20
N ALA B 186 30.61 38.99 -10.14
CA ALA B 186 31.46 40.19 -10.06
C ALA B 186 32.55 40.15 -11.14
N TYR B 187 33.11 38.98 -11.40
CA TYR B 187 34.09 38.85 -12.47
C TYR B 187 33.47 39.19 -13.82
N TYR B 188 32.27 38.66 -14.09
CA TYR B 188 31.62 38.91 -15.37
C TYR B 188 31.25 40.38 -15.53
N LYS B 189 30.77 41.02 -14.46
CA LYS B 189 30.40 42.43 -14.54
C LYS B 189 31.59 43.31 -14.87
N SER B 190 32.79 42.95 -14.39
CA SER B 190 33.98 43.74 -14.66
C SER B 190 34.33 43.75 -16.15
N LEU B 191 34.06 42.66 -16.86
CA LEU B 191 34.38 42.59 -18.27
C LEU B 191 33.55 43.62 -19.05
N PRO B 192 34.17 44.36 -19.98
CA PRO B 192 33.42 45.40 -20.70
C PRO B 192 32.40 44.80 -21.67
N GLY B 193 31.37 45.56 -21.94
CA GLY B 193 30.32 45.17 -22.88
C GLY B 193 29.13 44.45 -22.28
N ALA B 194 29.38 43.44 -21.45
CA ALA B 194 28.32 42.65 -20.84
C ALA B 194 27.80 43.37 -19.58
N GLU B 195 27.07 44.46 -19.83
CA GLU B 195 26.45 45.22 -18.76
C GLU B 195 24.97 45.48 -18.96
N ASP B 196 24.43 45.17 -20.15
CA ASP B 196 23.01 45.36 -20.43
C ASP B 196 22.27 44.07 -20.73
N TYR B 197 22.96 42.94 -20.84
CA TYR B 197 22.34 41.66 -21.16
C TYR B 197 21.91 40.88 -19.93
N ILE B 198 21.58 41.57 -18.83
CA ILE B 198 21.14 40.90 -17.62
C ILE B 198 19.67 40.52 -17.78
N LYS B 199 19.43 39.30 -18.27
CA LYS B 199 18.10 38.79 -18.51
C LYS B 199 17.89 37.51 -17.71
N ASP B 200 16.71 37.37 -17.11
CA ASP B 200 16.38 36.20 -16.32
C ASP B 200 15.82 35.17 -17.30
N LEU B 201 16.45 33.98 -17.33
CA LEU B 201 16.08 32.97 -18.31
C LEU B 201 14.80 32.21 -17.93
N GLU B 202 14.40 32.25 -16.66
CA GLU B 202 13.17 31.60 -16.19
C GLU B 202 12.20 32.71 -15.79
N THR B 203 11.47 33.23 -16.77
CA THR B 203 10.60 34.39 -16.56
C THR B 203 9.14 33.96 -16.70
N LYS B 204 8.26 34.89 -16.36
CA LYS B 204 6.82 34.69 -16.45
C LYS B 204 6.17 35.92 -17.06
N SER B 205 4.99 35.70 -17.65
CA SER B 205 4.32 36.78 -18.36
C SER B 205 3.82 37.87 -17.40
N TYR B 206 3.33 37.47 -16.23
CA TYR B 206 2.78 38.46 -15.30
C TYR B 206 3.87 39.38 -14.75
N GLU B 207 5.09 38.87 -14.59
CA GLU B 207 6.19 39.73 -14.14
C GLU B 207 6.45 40.84 -15.15
N SER B 208 6.54 40.49 -16.44
CA SER B 208 6.79 41.48 -17.47
C SER B 208 5.62 42.46 -17.58
N LEU B 209 4.38 41.96 -17.52
CA LEU B 209 3.23 42.85 -17.59
C LEU B 209 3.20 43.82 -16.42
N PHE B 210 3.52 43.32 -15.22
CA PHE B 210 3.60 44.19 -14.05
C PHE B 210 4.70 45.23 -14.20
N ILE B 211 5.84 44.83 -14.79
CA ILE B 211 6.93 45.78 -14.99
C ILE B 211 6.51 46.91 -15.91
N ARG B 212 5.89 46.56 -17.04
CA ARG B 212 5.39 47.62 -17.94
C ARG B 212 4.30 48.46 -17.28
N ALA B 213 3.45 47.84 -16.46
CA ALA B 213 2.41 48.59 -15.77
C ALA B 213 3.01 49.62 -14.83
N VAL B 214 4.02 49.22 -14.05
CA VAL B 214 4.65 50.15 -13.12
C VAL B 214 5.40 51.23 -13.88
N ARG B 215 6.05 50.87 -15.00
CA ARG B 215 6.75 51.88 -15.78
C ARG B 215 5.79 52.92 -16.33
N ALA B 216 4.66 52.48 -16.87
CA ALA B 216 3.66 53.41 -17.38
C ALA B 216 3.04 54.24 -16.27
N TYR B 217 2.80 53.61 -15.11
CA TYR B 217 2.22 54.33 -13.98
C TYR B 217 3.15 55.44 -13.51
N ASN B 218 4.45 55.15 -13.42
CA ASN B 218 5.43 56.19 -13.11
C ASN B 218 5.56 57.20 -14.24
N GLY B 219 5.23 56.82 -15.47
CA GLY B 219 5.25 57.74 -16.58
C GLY B 219 3.98 58.56 -16.72
N GLU B 220 3.35 58.86 -15.57
CA GLU B 220 2.12 59.65 -15.46
C GLU B 220 1.08 59.31 -16.53
N ASN B 221 0.96 58.03 -16.88
CA ASN B 221 -0.05 57.55 -17.80
C ASN B 221 -0.94 56.55 -17.07
N TRP B 222 -2.26 56.76 -17.14
CA TRP B 222 -3.20 56.00 -16.32
C TRP B 222 -3.88 54.86 -17.09
N ARG B 223 -4.33 55.12 -18.32
CA ARG B 223 -5.08 54.11 -19.05
C ARG B 223 -4.22 52.88 -19.35
N THR B 224 -2.97 53.10 -19.78
CA THR B 224 -2.09 51.97 -20.09
C THR B 224 -1.80 51.16 -18.85
N SER B 225 -1.55 51.82 -17.72
CA SER B 225 -1.30 51.11 -16.47
C SER B 225 -2.53 50.30 -16.05
N ILE B 226 -3.72 50.88 -16.22
CA ILE B 226 -4.96 50.16 -15.89
C ILE B 226 -5.08 48.90 -16.73
N THR B 227 -4.86 49.04 -18.05
CA THR B 227 -4.98 47.89 -18.94
C THR B 227 -3.96 46.82 -18.58
N ASP B 228 -2.72 47.22 -18.32
CA ASP B 228 -1.69 46.24 -17.99
C ASP B 228 -1.98 45.52 -16.68
N MET B 229 -2.43 46.24 -15.65
CA MET B 229 -2.74 45.59 -14.39
C MET B 229 -3.93 44.64 -14.52
N GLU B 230 -4.98 45.07 -15.23
CA GLU B 230 -6.15 44.23 -15.41
C GLU B 230 -5.84 43.02 -16.27
N LEU B 231 -4.82 43.13 -17.14
CA LEU B 231 -4.34 41.95 -17.86
C LEU B 231 -3.54 41.04 -16.94
N ALA B 232 -2.68 41.62 -16.09
CA ALA B 232 -1.72 40.84 -15.32
C ALA B 232 -2.35 40.09 -14.16
N LEU B 233 -3.47 40.57 -13.61
CA LEU B 233 -4.08 39.86 -12.49
C LEU B 233 -4.50 38.44 -12.83
N PRO B 234 -5.28 38.18 -13.90
CA PRO B 234 -5.71 36.80 -14.17
C PRO B 234 -4.57 35.83 -14.45
N ASP B 235 -3.48 36.28 -15.08
CA ASP B 235 -2.37 35.37 -15.30
C ASP B 235 -1.72 34.96 -13.99
N PHE B 236 -1.58 35.90 -13.05
CA PHE B 236 -1.05 35.55 -11.74
C PHE B 236 -1.96 34.55 -11.04
N PHE B 237 -3.27 34.78 -11.10
CA PHE B 237 -4.18 33.84 -10.44
C PHE B 237 -4.11 32.45 -11.09
N LYS B 238 -4.05 32.40 -12.42
CA LYS B 238 -3.93 31.12 -13.11
C LYS B 238 -2.66 30.39 -12.72
N ALA B 239 -1.52 31.10 -12.71
CA ALA B 239 -0.26 30.49 -12.35
C ALA B 239 -0.28 30.00 -10.91
N PHE B 240 -0.86 30.79 -9.99
CA PHE B 240 -0.93 30.38 -8.60
C PHE B 240 -1.76 29.11 -8.44
N TYR B 241 -2.91 29.04 -9.11
CA TYR B 241 -3.75 27.85 -8.96
C TYR B 241 -3.12 26.63 -9.61
N GLU B 242 -2.42 26.81 -10.74
CA GLU B 242 -1.72 25.68 -11.35
C GLU B 242 -0.59 25.19 -10.45
N CYS B 243 0.15 26.11 -9.83
CA CYS B 243 1.22 25.71 -8.93
C CYS B 243 0.68 25.01 -7.70
N LEU B 244 -0.48 25.46 -7.20
CA LEU B 244 -1.13 24.74 -6.10
C LEU B 244 -1.54 23.33 -6.52
N ALA B 245 -2.12 23.20 -7.71
CA ALA B 245 -2.55 21.89 -8.19
C ALA B 245 -1.37 20.96 -8.49
N ALA B 246 -0.19 21.50 -8.76
CA ALA B 246 0.96 20.69 -9.14
C ALA B 246 1.75 20.16 -7.95
N CYS B 247 1.33 20.45 -6.72
CA CYS B 247 2.07 20.03 -5.53
C CYS B 247 1.56 18.73 -4.92
N GLU B 248 0.43 18.20 -5.40
CA GLU B 248 -0.15 16.98 -4.84
C GLU B 248 0.51 15.76 -5.47
N GLY B 249 1.75 15.52 -5.06
CA GLY B 249 2.57 14.46 -5.61
C GLY B 249 2.68 13.25 -4.70
N SER B 250 3.70 12.44 -4.96
CA SER B 250 3.89 11.18 -4.25
C SER B 250 4.75 11.39 -3.00
N ARG B 251 5.04 10.28 -2.32
CA ARG B 251 5.81 10.30 -1.08
C ARG B 251 6.56 8.98 -0.96
N GLU B 252 7.50 8.93 -0.03
CA GLU B 252 8.23 7.70 0.28
C GLU B 252 7.58 7.01 1.47
N ILE B 253 7.28 5.73 1.31
CA ILE B 253 6.60 4.97 2.34
C ILE B 253 7.59 4.54 3.40
N LYS B 254 7.34 4.96 4.65
CA LYS B 254 8.20 4.58 5.76
C LYS B 254 7.43 4.19 7.02
N ASP B 255 6.10 4.17 6.97
CA ASP B 255 5.30 3.74 8.11
C ASP B 255 3.96 3.24 7.61
N PHE B 256 3.43 2.22 8.27
CA PHE B 256 2.21 1.54 7.85
C PHE B 256 1.17 1.73 8.95
N LYS B 257 0.27 2.69 8.75
CA LYS B 257 -0.74 3.05 9.74
C LYS B 257 -2.14 2.78 9.18
N ASP B 258 -3.15 3.22 9.93
CA ASP B 258 -4.54 2.95 9.57
C ASP B 258 -4.94 3.80 8.37
N PHE B 259 -6.23 3.78 8.03
CA PHE B 259 -6.71 4.51 6.87
C PHE B 259 -6.60 6.01 7.07
N TYR B 260 -7.32 6.54 8.06
CA TYR B 260 -7.35 7.99 8.29
C TYR B 260 -5.98 8.50 8.72
N LEU B 261 -5.29 7.76 9.60
CA LEU B 261 -4.01 8.22 10.12
C LEU B 261 -2.92 8.20 9.06
N SER B 262 -3.08 7.40 8.00
CA SER B 262 -2.09 7.39 6.94
C SER B 262 -2.43 8.32 5.80
N ILE B 263 -3.72 8.63 5.59
CA ILE B 263 -4.08 9.63 4.60
C ILE B 263 -4.13 11.03 5.19
N ALA B 264 -3.84 11.19 6.48
CA ALA B 264 -3.71 12.50 7.09
C ALA B 264 -2.25 12.92 7.29
N ASP B 265 -1.30 12.14 6.80
CA ASP B 265 0.12 12.52 6.79
C ASP B 265 0.62 12.87 5.41
N HIS B 266 0.16 12.14 4.39
CA HIS B 266 0.39 12.53 3.01
C HIS B 266 -0.10 13.95 2.76
N TYR B 267 -1.29 14.27 3.29
CA TYR B 267 -1.79 15.62 3.12
C TYR B 267 -1.05 16.64 3.97
N VAL B 268 -0.46 16.21 5.09
CA VAL B 268 0.38 17.14 5.86
C VAL B 268 1.59 17.54 5.03
N GLU B 269 2.24 16.56 4.39
CA GLU B 269 3.36 16.87 3.50
C GLU B 269 2.91 17.74 2.32
N VAL B 270 1.75 17.40 1.75
CA VAL B 270 1.24 18.17 0.61
C VAL B 270 0.97 19.61 1.02
N LEU B 271 0.43 19.82 2.23
CA LEU B 271 0.17 21.18 2.72
C LEU B 271 1.46 21.94 2.96
N GLU B 272 2.47 21.25 3.51
CA GLU B 272 3.79 21.87 3.64
C GLU B 272 4.30 22.35 2.29
N CYS B 273 4.10 21.54 1.24
CA CYS B 273 4.50 21.97 -0.10
C CYS B 273 3.63 23.11 -0.62
N LYS B 274 2.34 23.09 -0.31
CA LYS B 274 1.41 24.06 -0.88
C LYS B 274 1.63 25.46 -0.31
N ILE B 275 2.02 25.55 0.97
CA ILE B 275 2.07 26.85 1.63
C ILE B 275 3.06 27.79 0.94
N GLN B 276 4.19 27.26 0.47
CA GLN B 276 5.26 28.10 -0.08
C GLN B 276 4.95 28.63 -1.49
N CYS B 277 3.87 28.18 -2.12
CA CYS B 277 3.60 28.57 -3.50
C CYS B 277 3.29 30.05 -3.63
N GLU B 278 2.70 30.67 -2.60
CA GLU B 278 2.39 32.09 -2.68
C GLU B 278 3.67 32.93 -2.72
N GLU B 279 4.68 32.53 -1.95
CA GLU B 279 5.93 33.28 -1.87
C GLU B 279 6.97 32.83 -2.89
N ASN B 280 6.77 31.69 -3.54
CA ASN B 280 7.67 31.27 -4.60
C ASN B 280 7.38 31.91 -5.95
N LEU B 281 6.20 32.50 -6.12
CA LEU B 281 5.80 33.13 -7.37
C LEU B 281 5.86 34.66 -7.30
N THR B 282 6.32 35.21 -6.19
CA THR B 282 6.40 36.66 -6.05
C THR B 282 7.59 37.18 -6.85
N PRO B 283 7.39 38.17 -7.73
CA PRO B 283 8.52 38.71 -8.50
C PRO B 283 9.51 39.42 -7.59
N VAL B 284 10.77 39.36 -7.98
CA VAL B 284 11.87 40.00 -7.24
C VAL B 284 12.50 41.05 -8.13
N ILE B 285 12.50 42.29 -7.65
CA ILE B 285 13.10 43.42 -8.37
C ILE B 285 14.13 44.06 -7.45
N GLY B 286 15.35 44.23 -7.96
CA GLY B 286 16.40 44.84 -7.16
C GLY B 286 16.95 43.97 -6.06
N GLY B 287 16.79 42.66 -6.16
CA GLY B 287 17.27 41.76 -5.14
C GLY B 287 16.39 41.60 -3.93
N TYR B 288 15.19 42.18 -3.94
CA TYR B 288 14.26 42.09 -2.82
C TYR B 288 12.88 41.77 -3.37
N PRO B 289 12.24 40.68 -2.91
CA PRO B 289 10.89 40.37 -3.40
C PRO B 289 9.89 41.45 -3.01
N VAL B 290 8.88 41.63 -3.86
CA VAL B 290 7.86 42.63 -3.64
C VAL B 290 6.84 42.09 -2.64
N GLU B 291 6.79 42.69 -1.46
CA GLU B 291 5.83 42.26 -0.44
C GLU B 291 4.43 42.74 -0.80
N LYS B 292 3.43 41.90 -0.46
CA LYS B 292 2.02 42.20 -0.69
C LYS B 292 1.76 42.50 -2.17
N PHE B 293 1.99 41.48 -2.99
CA PHE B 293 1.91 41.64 -4.45
C PHE B 293 0.50 42.02 -4.88
N VAL B 294 -0.50 41.24 -4.47
CA VAL B 294 -1.87 41.48 -4.90
C VAL B 294 -2.39 42.80 -4.32
N ALA B 295 -2.02 43.10 -3.08
CA ALA B 295 -2.38 44.38 -2.50
C ALA B 295 -1.73 45.52 -3.27
N THR B 296 -0.51 45.32 -3.75
CA THR B 296 0.15 46.35 -4.56
C THR B 296 -0.59 46.57 -5.88
N MET B 297 -1.01 45.48 -6.54
CA MET B 297 -1.81 45.63 -7.75
C MET B 297 -3.09 46.41 -7.48
N TYR B 298 -3.80 46.06 -6.39
CA TYR B 298 -5.06 46.73 -6.12
C TYR B 298 -4.85 48.18 -5.74
N HIS B 299 -3.76 48.49 -5.04
CA HIS B 299 -3.45 49.88 -4.71
C HIS B 299 -3.19 50.69 -5.97
N TYR B 300 -2.37 50.16 -6.88
CA TYR B 300 -2.09 50.86 -8.13
C TYR B 300 -3.36 51.05 -8.94
N LEU B 301 -4.19 50.01 -9.02
CA LEU B 301 -5.44 50.11 -9.76
C LEU B 301 -6.37 51.16 -9.16
N GLN B 302 -6.48 51.18 -7.83
CA GLN B 302 -7.35 52.15 -7.17
C GLN B 302 -6.87 53.57 -7.43
N PHE B 303 -5.56 53.81 -7.31
CA PHE B 303 -5.05 55.15 -7.57
C PHE B 303 -5.26 55.56 -9.02
N ALA B 304 -5.00 54.65 -9.96
CA ALA B 304 -5.19 54.98 -11.37
C ALA B 304 -6.64 55.28 -11.69
N TYR B 305 -7.57 54.51 -11.10
CA TYR B 305 -8.99 54.78 -11.33
C TYR B 305 -9.41 56.09 -10.65
N TYR B 306 -8.85 56.40 -9.49
CA TYR B 306 -9.17 57.66 -8.82
C TYR B 306 -8.73 58.85 -9.66
N LYS B 307 -7.53 58.79 -10.24
CA LYS B 307 -7.05 59.91 -11.04
C LYS B 307 -7.89 60.14 -12.28
N LEU B 308 -8.68 59.15 -12.71
CA LEU B 308 -9.61 59.31 -13.82
C LEU B 308 -11.04 59.53 -13.35
N ASN B 309 -11.27 59.67 -12.05
CA ASN B 309 -12.59 59.93 -11.47
C ASN B 309 -13.59 58.83 -11.83
N ASP B 310 -13.10 57.59 -11.93
CA ASP B 310 -13.95 56.43 -12.21
C ASP B 310 -14.24 55.70 -10.89
N LEU B 311 -15.16 56.26 -10.11
CA LEU B 311 -15.52 55.67 -8.83
C LEU B 311 -16.13 54.28 -8.98
N LYS B 312 -16.95 54.08 -10.01
CA LYS B 312 -17.67 52.81 -10.19
C LYS B 312 -16.71 51.63 -10.24
N ASN B 313 -15.48 51.86 -10.72
CA ASN B 313 -14.45 50.84 -10.72
C ASN B 313 -13.38 51.07 -9.66
N ALA B 314 -13.44 52.20 -8.95
CA ALA B 314 -12.40 52.50 -7.95
C ALA B 314 -12.78 52.02 -6.56
N ALA B 315 -14.07 51.99 -6.24
CA ALA B 315 -14.48 51.55 -4.90
C ALA B 315 -14.10 50.09 -4.61
N PRO B 316 -14.42 49.11 -5.47
CA PRO B 316 -14.08 47.71 -5.13
C PRO B 316 -12.60 47.48 -4.92
N CYS B 317 -11.73 48.22 -5.61
CA CYS B 317 -10.30 48.09 -5.36
C CYS B 317 -9.95 48.49 -3.93
N ALA B 318 -10.55 49.59 -3.45
CA ALA B 318 -10.34 50.01 -2.07
C ALA B 318 -10.86 48.96 -1.09
N VAL B 319 -12.04 48.39 -1.37
CA VAL B 319 -12.57 47.36 -0.48
C VAL B 319 -11.64 46.15 -0.44
N SER B 320 -11.13 45.73 -1.60
CA SER B 320 -10.23 44.59 -1.65
C SER B 320 -8.94 44.87 -0.90
N TYR B 321 -8.38 46.07 -1.06
CA TYR B 321 -7.16 46.42 -0.34
C TYR B 321 -7.39 46.42 1.17
N LEU B 322 -8.53 46.95 1.61
CA LEU B 322 -8.87 46.87 3.03
C LEU B 322 -9.02 45.43 3.49
N LEU B 323 -9.54 44.56 2.61
CA LEU B 323 -9.65 43.15 2.93
C LEU B 323 -8.27 42.54 3.14
N PHE B 324 -7.30 42.88 2.30
CA PHE B 324 -5.97 42.29 2.43
C PHE B 324 -5.18 42.92 3.57
N ASP B 325 -4.92 44.22 3.48
CA ASP B 325 -4.22 44.96 4.53
C ASP B 325 -5.27 45.61 5.42
N GLN B 326 -5.66 44.91 6.49
CA GLN B 326 -6.71 45.40 7.36
C GLN B 326 -6.30 46.68 8.08
N ASN B 327 -5.05 46.75 8.53
CA ASN B 327 -4.57 47.90 9.28
C ASN B 327 -3.92 48.88 8.31
N ASP B 328 -4.74 49.78 7.77
CA ASP B 328 -4.27 50.87 6.92
C ASP B 328 -5.00 52.13 7.31
N LYS B 329 -4.41 53.28 6.97
CA LYS B 329 -4.94 54.57 7.39
C LYS B 329 -5.53 55.37 6.23
N VAL B 330 -4.74 55.62 5.18
CA VAL B 330 -5.21 56.51 4.11
C VAL B 330 -6.39 55.88 3.37
N MET B 331 -6.38 54.55 3.20
CA MET B 331 -7.48 53.91 2.49
C MET B 331 -8.74 53.85 3.35
N GLN B 332 -8.61 53.79 4.66
CA GLN B 332 -9.79 53.86 5.52
C GLN B 332 -10.47 55.22 5.42
N GLN B 333 -9.68 56.29 5.43
CA GLN B 333 -10.26 57.63 5.22
C GLN B 333 -10.84 57.76 3.83
N ASN B 334 -10.19 57.17 2.83
CA ASN B 334 -10.76 57.16 1.48
C ASN B 334 -12.14 56.49 1.48
N LEU B 335 -12.24 55.31 2.08
CA LEU B 335 -13.51 54.59 2.11
C LEU B 335 -14.59 55.37 2.87
N VAL B 336 -14.19 56.01 3.97
CA VAL B 336 -15.14 56.84 4.71
C VAL B 336 -15.65 57.98 3.83
N TYR B 337 -14.73 58.62 3.10
CA TYR B 337 -15.12 59.71 2.20
C TYR B 337 -16.06 59.21 1.11
N TYR B 338 -15.79 58.03 0.56
CA TYR B 338 -16.67 57.47 -0.47
C TYR B 338 -18.05 57.19 0.11
N GLN B 339 -18.10 56.66 1.33
CA GLN B 339 -19.38 56.40 1.98
C GLN B 339 -20.15 57.69 2.21
N TYR B 340 -19.45 58.77 2.57
CA TYR B 340 -20.13 60.04 2.83
C TYR B 340 -20.82 60.57 1.58
N HIS B 341 -20.17 60.47 0.42
CA HIS B 341 -20.70 60.98 -0.83
C HIS B 341 -21.30 59.88 -1.70
N ARG B 342 -21.95 58.89 -1.08
CA ARG B 342 -22.50 57.77 -1.83
C ARG B 342 -23.67 58.17 -2.71
N ASP B 343 -24.46 59.15 -2.29
CA ASP B 343 -25.69 59.53 -2.97
C ASP B 343 -25.49 60.64 -3.99
N THR B 344 -24.29 60.74 -4.57
CA THR B 344 -24.01 61.74 -5.60
C THR B 344 -23.52 61.14 -6.91
N TRP B 345 -22.77 60.05 -6.87
CA TRP B 345 -22.28 59.38 -8.06
C TRP B 345 -23.22 58.29 -8.55
N GLY B 346 -24.37 58.12 -7.91
CA GLY B 346 -25.28 57.04 -8.25
C GLY B 346 -24.70 55.67 -7.97
N LEU B 347 -24.12 55.51 -6.78
CA LEU B 347 -23.49 54.26 -6.38
C LEU B 347 -24.38 53.54 -5.37
N SER B 348 -24.73 52.30 -5.68
CA SER B 348 -25.61 51.52 -4.83
C SER B 348 -24.81 50.88 -3.68
N ASP B 349 -25.51 50.10 -2.85
CA ASP B 349 -24.88 49.52 -1.67
C ASP B 349 -24.03 48.30 -1.99
N GLU B 350 -24.26 47.64 -3.13
CA GLU B 350 -23.52 46.43 -3.46
C GLU B 350 -22.23 46.72 -4.23
N HIS B 351 -21.90 47.98 -4.47
CA HIS B 351 -20.64 48.34 -5.11
C HIS B 351 -19.51 48.54 -4.12
N PHE B 352 -19.75 48.30 -2.83
CA PHE B 352 -18.72 48.36 -1.80
C PHE B 352 -18.30 46.98 -1.32
N GLN B 353 -18.46 45.96 -2.16
CA GLN B 353 -18.12 44.58 -1.87
C GLN B 353 -16.80 44.19 -2.55
N PRO B 354 -16.04 43.30 -1.93
CA PRO B 354 -14.75 42.90 -2.53
C PRO B 354 -14.95 42.09 -3.80
N ARG B 355 -13.91 42.11 -4.64
CA ARG B 355 -13.96 41.36 -5.89
C ARG B 355 -13.97 39.86 -5.60
N PRO B 356 -14.69 39.06 -6.40
CA PRO B 356 -14.77 37.61 -6.12
C PRO B 356 -13.41 36.92 -6.13
N GLU B 357 -12.52 37.31 -7.03
CA GLU B 357 -11.21 36.66 -7.11
C GLU B 357 -10.39 36.93 -5.85
N ALA B 358 -10.46 38.16 -5.32
CA ALA B 358 -9.77 38.47 -4.08
C ALA B 358 -10.33 37.66 -2.92
N VAL B 359 -11.66 37.50 -2.88
CA VAL B 359 -12.28 36.69 -1.83
C VAL B 359 -11.81 35.24 -1.93
N GLN B 360 -11.75 34.69 -3.14
CA GLN B 360 -11.28 33.32 -3.31
C GLN B 360 -9.82 33.17 -2.87
N PHE B 361 -8.97 34.12 -3.26
CA PHE B 361 -7.57 34.08 -2.85
C PHE B 361 -7.44 34.15 -1.34
N PHE B 362 -8.16 35.07 -0.71
CA PHE B 362 -8.09 35.23 0.75
C PHE B 362 -8.57 33.97 1.46
N ASN B 363 -9.69 33.38 1.00
CA ASN B 363 -10.19 32.16 1.60
C ASN B 363 -9.17 31.04 1.48
N VAL B 364 -8.61 30.86 0.29
CA VAL B 364 -7.75 29.71 0.03
C VAL B 364 -6.37 29.87 0.68
N THR B 365 -5.99 31.09 1.06
CA THR B 365 -4.75 31.25 1.80
C THR B 365 -4.98 31.10 3.30
N THR B 366 -6.05 31.72 3.81
CA THR B 366 -6.33 31.64 5.24
C THR B 366 -6.63 30.20 5.66
N LEU B 367 -7.40 29.47 4.85
CA LEU B 367 -7.72 28.09 5.20
C LEU B 367 -6.47 27.24 5.27
N GLN B 368 -5.55 27.41 4.32
CA GLN B 368 -4.31 26.63 4.33
C GLN B 368 -3.47 26.94 5.57
N LYS B 369 -3.32 28.23 5.88
CA LYS B 369 -2.50 28.59 7.05
C LYS B 369 -3.12 28.06 8.35
N GLU B 370 -4.43 28.21 8.50
CA GLU B 370 -5.10 27.70 9.69
C GLU B 370 -5.00 26.18 9.78
N LEU B 371 -5.16 25.49 8.66
CA LEU B 371 -5.08 24.03 8.66
C LEU B 371 -3.67 23.57 9.03
N TYR B 372 -2.64 24.25 8.54
CA TYR B 372 -1.28 23.87 8.93
C TYR B 372 -1.03 24.14 10.40
N ASP B 373 -1.55 25.26 10.92
CA ASP B 373 -1.37 25.54 12.35
C ASP B 373 -2.07 24.50 13.20
N PHE B 374 -3.27 24.06 12.80
CA PHE B 374 -3.96 23.00 13.51
C PHE B 374 -3.19 21.68 13.41
N ALA B 375 -2.70 21.35 12.21
CA ALA B 375 -2.03 20.07 12.01
C ALA B 375 -0.73 19.98 12.79
N LYS B 376 0.02 21.07 12.87
CA LYS B 376 1.26 21.06 13.64
C LYS B 376 1.03 21.32 15.12
N GLU B 377 0.01 20.67 15.69
CA GLU B 377 -0.14 20.54 17.14
C GLU B 377 -0.67 19.18 17.58
N ASN B 378 -1.38 18.45 16.73
CA ASN B 378 -2.10 17.24 17.12
C ASN B 378 -1.69 16.03 16.29
N ILE B 379 -1.41 16.21 14.99
CA ILE B 379 -1.12 15.08 14.12
C ILE B 379 0.38 14.87 14.00
N MET B 380 1.15 15.96 13.92
CA MET B 380 2.60 15.85 13.77
C MET B 380 3.21 15.20 15.01
N ASP B 381 3.95 14.12 14.80
CA ASP B 381 4.53 13.38 15.91
C ASP B 381 5.61 14.19 16.61
N ASP B 382 5.70 14.01 17.92
CA ASP B 382 6.71 14.68 18.74
C ASP B 382 7.71 13.61 19.20
N ASP B 383 8.70 13.33 18.35
CA ASP B 383 9.77 12.42 18.69
C ASP B 383 11.12 12.91 18.20
N GLU B 384 11.25 14.22 17.93
CA GLU B 384 12.49 14.81 17.45
C GLU B 384 12.77 16.08 18.24
N GLY B 385 14.07 16.37 18.43
CA GLY B 385 14.48 17.54 19.18
C GLY B 385 15.60 18.28 18.47
N GLU B 386 15.97 19.42 19.06
CA GLU B 386 17.06 20.23 18.53
C GLU B 386 18.36 19.78 19.18
N VAL B 387 19.37 19.51 18.35
CA VAL B 387 20.65 19.00 18.83
C VAL B 387 21.41 20.16 19.46
N VAL B 388 21.80 20.01 20.72
CA VAL B 388 22.56 21.04 21.42
C VAL B 388 23.82 20.44 22.04
N LYS C 38 18.04 18.78 13.33
CA LYS C 38 17.30 18.02 14.33
C LYS C 38 17.82 16.58 14.43
N GLY C 39 17.20 15.79 15.30
CA GLY C 39 17.60 14.43 15.49
C GLY C 39 16.66 13.65 16.39
N PRO C 40 16.86 12.36 16.50
CA PRO C 40 15.99 11.53 17.35
C PRO C 40 16.45 11.55 18.80
N LYS C 41 15.49 11.29 19.69
CA LYS C 41 15.73 11.30 21.13
C LYS C 41 16.05 9.90 21.61
N VAL C 42 17.18 9.76 22.30
CA VAL C 42 17.52 8.50 22.95
C VAL C 42 16.72 8.38 24.24
N THR C 43 16.46 7.16 24.67
CA THR C 43 15.70 6.96 25.89
C THR C 43 16.40 6.06 26.89
N VAL C 44 17.15 5.06 26.43
CA VAL C 44 17.83 4.12 27.31
C VAL C 44 19.22 3.84 26.74
N LYS C 45 20.08 3.28 27.59
CA LYS C 45 21.44 2.92 27.21
C LYS C 45 21.77 1.54 27.73
N VAL C 46 22.46 0.76 26.90
CA VAL C 46 22.94 -0.56 27.28
C VAL C 46 24.43 -0.64 26.94
N TYR C 47 25.19 -1.28 27.81
CA TYR C 47 26.64 -1.40 27.65
C TYR C 47 27.03 -2.85 27.43
N PHE C 48 28.01 -3.05 26.56
CA PHE C 48 28.51 -4.37 26.20
C PHE C 48 29.98 -4.47 26.55
N ASP C 49 30.40 -5.64 27.04
CA ASP C 49 31.80 -5.93 27.31
C ASP C 49 32.27 -7.02 26.36
N LEU C 50 33.30 -6.72 25.58
CA LEU C 50 33.79 -7.62 24.56
C LEU C 50 35.12 -8.23 24.99
N ARG C 51 35.30 -9.51 24.67
CA ARG C 51 36.53 -10.23 25.00
C ARG C 51 36.99 -11.00 23.77
N ILE C 52 38.04 -10.50 23.12
CA ILE C 52 38.61 -11.18 21.96
C ILE C 52 39.59 -12.22 22.48
N GLY C 53 39.24 -13.50 22.33
CA GLY C 53 40.05 -14.57 22.86
C GLY C 53 40.06 -14.61 24.37
N ASP C 54 41.21 -14.29 24.97
CA ASP C 54 41.33 -14.22 26.42
C ASP C 54 41.62 -12.81 26.93
N GLU C 55 41.55 -11.80 26.07
CA GLU C 55 41.86 -10.42 26.44
C GLU C 55 40.62 -9.55 26.32
N ASP C 56 40.60 -8.47 27.09
CA ASP C 56 39.52 -7.48 27.05
C ASP C 56 39.94 -6.29 26.19
N VAL C 57 38.96 -5.56 25.69
CA VAL C 57 39.20 -4.43 24.82
C VAL C 57 38.62 -3.13 25.39
N GLY C 58 37.41 -3.18 25.93
CA GLY C 58 36.80 -1.97 26.46
C GLY C 58 35.29 -2.12 26.56
N ARG C 59 34.60 -0.99 26.45
CA ARG C 59 33.15 -0.92 26.61
C ARG C 59 32.52 -0.20 25.44
N VAL C 60 31.34 -0.65 25.04
CA VAL C 60 30.56 -0.01 23.99
C VAL C 60 29.23 0.42 24.61
N ILE C 61 28.88 1.69 24.41
CA ILE C 61 27.65 2.27 24.97
C ILE C 61 26.70 2.58 23.83
N PHE C 62 25.58 1.87 23.79
CA PHE C 62 24.58 2.06 22.75
C PHE C 62 23.53 3.06 23.22
N GLY C 63 22.97 3.81 22.27
CA GLY C 63 21.84 4.66 22.56
C GLY C 63 20.65 4.26 21.73
N LEU C 64 19.56 3.84 22.37
CA LEU C 64 18.42 3.26 21.69
C LEU C 64 17.25 4.23 21.71
N PHE C 65 16.60 4.39 20.57
CA PHE C 65 15.50 5.33 20.40
C PHE C 65 14.20 4.63 20.77
N GLY C 66 13.69 4.94 21.97
CA GLY C 66 12.49 4.27 22.44
C GLY C 66 11.18 4.91 22.06
N LYS C 67 11.21 6.18 21.65
CA LYS C 67 10.00 6.88 21.23
C LYS C 67 9.69 6.72 19.75
N THR C 68 10.70 6.48 18.92
CA THR C 68 10.51 6.24 17.50
C THR C 68 10.21 4.78 17.20
N VAL C 69 10.99 3.86 17.76
CA VAL C 69 10.86 2.44 17.47
C VAL C 69 10.70 1.64 18.76
N PRO C 70 9.52 1.60 19.36
CA PRO C 70 9.27 0.70 20.49
C PRO C 70 9.02 -0.71 19.97
N LYS C 71 8.92 -1.65 20.92
CA LYS C 71 8.69 -3.07 20.62
C LYS C 71 9.92 -3.72 20.01
N THR C 72 10.94 -2.92 19.72
CA THR C 72 12.26 -3.40 19.32
C THR C 72 13.34 -3.04 20.33
N VAL C 73 13.34 -1.79 20.80
CA VAL C 73 14.19 -1.41 21.92
C VAL C 73 13.82 -2.24 23.15
N ASP C 74 12.53 -2.52 23.33
CA ASP C 74 12.11 -3.35 24.46
C ASP C 74 12.68 -4.75 24.34
N ASN C 75 12.65 -5.32 23.13
CA ASN C 75 13.23 -6.64 22.92
C ASN C 75 14.74 -6.64 23.20
N PHE C 76 15.44 -5.64 22.68
CA PHE C 76 16.88 -5.56 22.88
C PHE C 76 17.23 -5.41 24.35
N VAL C 77 16.50 -4.55 25.07
CA VAL C 77 16.77 -4.32 26.48
C VAL C 77 16.46 -5.56 27.30
N ALA C 78 15.35 -6.24 27.00
CA ALA C 78 15.01 -7.47 27.72
C ALA C 78 16.06 -8.54 27.50
N LEU C 79 16.54 -8.70 26.26
CA LEU C 79 17.58 -9.69 26.00
C LEU C 79 18.89 -9.30 26.67
N ALA C 80 19.21 -8.01 26.69
CA ALA C 80 20.47 -7.57 27.29
C ALA C 80 20.47 -7.76 28.80
N THR C 81 19.37 -7.42 29.46
CA THR C 81 19.31 -7.49 30.92
C THR C 81 18.83 -8.84 31.45
N GLY C 82 18.38 -9.74 30.58
CA GLY C 82 18.10 -11.11 30.97
C GLY C 82 17.02 -11.30 32.01
N GLU C 83 15.86 -10.64 31.82
CA GLU C 83 14.75 -10.85 32.74
C GLU C 83 14.25 -12.29 32.68
N LYS C 84 14.17 -12.86 31.47
CA LYS C 84 13.62 -14.19 31.27
C LYS C 84 14.70 -15.26 31.15
N GLY C 85 15.93 -14.96 31.56
CA GLY C 85 17.01 -15.92 31.50
C GLY C 85 17.82 -15.88 30.22
N PHE C 86 17.22 -16.27 29.11
CA PHE C 86 17.94 -16.26 27.84
C PHE C 86 18.26 -14.84 27.42
N GLY C 87 19.48 -14.64 26.92
CA GLY C 87 19.92 -13.31 26.58
C GLY C 87 21.25 -13.33 25.87
N TYR C 88 21.85 -12.14 25.77
CA TYR C 88 23.10 -11.94 25.06
C TYR C 88 24.33 -12.27 25.91
N LYS C 89 24.15 -12.62 27.18
CA LYS C 89 25.28 -12.98 28.03
C LYS C 89 26.04 -14.16 27.44
N ASN C 90 27.37 -14.04 27.37
CA ASN C 90 28.25 -15.10 26.87
C ASN C 90 27.89 -15.48 25.44
N SER C 91 27.49 -14.50 24.63
CA SER C 91 27.17 -14.75 23.24
C SER C 91 28.45 -14.60 22.40
N LYS C 92 28.30 -14.58 21.07
CA LYS C 92 29.45 -14.55 20.19
C LYS C 92 29.12 -13.80 18.92
N PHE C 93 30.15 -13.25 18.29
CA PHE C 93 30.06 -12.64 16.96
C PHE C 93 30.47 -13.68 15.93
N HIS C 94 29.59 -13.95 14.96
CA HIS C 94 29.88 -14.96 13.96
C HIS C 94 30.18 -14.40 12.57
N ARG C 95 29.89 -13.12 12.33
CA ARG C 95 30.25 -12.47 11.07
C ARG C 95 31.06 -11.22 11.39
N VAL C 96 32.30 -11.19 10.91
CA VAL C 96 33.22 -10.09 11.17
C VAL C 96 33.66 -9.52 9.83
N ILE C 97 32.75 -9.52 8.85
CA ILE C 97 33.07 -9.06 7.50
C ILE C 97 33.75 -7.70 7.54
N LYS C 98 34.96 -7.64 6.99
CA LYS C 98 35.72 -6.40 6.97
C LYS C 98 35.02 -5.35 6.10
N ASP C 99 35.07 -4.09 6.54
CA ASP C 99 34.69 -2.93 5.73
C ASP C 99 33.16 -2.84 5.69
N PHE C 100 32.45 -3.89 6.10
CA PHE C 100 31.00 -3.92 5.98
C PHE C 100 30.29 -3.83 7.32
N MET C 101 30.55 -4.77 8.25
CA MET C 101 29.83 -4.80 9.51
C MET C 101 30.37 -5.94 10.37
N ILE C 102 29.91 -5.99 11.61
CA ILE C 102 30.18 -7.09 12.53
C ILE C 102 28.83 -7.54 13.07
N GLN C 103 28.29 -8.64 12.54
CA GLN C 103 26.95 -9.11 12.89
C GLN C 103 27.04 -10.23 13.90
N GLY C 104 26.20 -10.14 14.94
CA GLY C 104 26.09 -11.20 15.94
C GLY C 104 24.74 -11.10 16.62
N GLY C 105 24.59 -11.86 17.69
CA GLY C 105 23.39 -11.80 18.52
C GLY C 105 22.68 -13.11 18.75
N ASP C 106 22.92 -14.15 17.96
CA ASP C 106 22.29 -15.44 18.22
C ASP C 106 22.92 -16.11 19.45
N PHE C 107 22.09 -16.82 20.22
CA PHE C 107 22.55 -17.42 21.47
C PHE C 107 22.04 -18.83 21.68
N THR C 108 21.21 -19.37 20.79
CA THR C 108 20.80 -20.77 20.87
C THR C 108 21.83 -21.67 20.18
N ARG C 109 22.14 -21.35 18.92
CA ARG C 109 23.18 -22.04 18.17
C ARG C 109 24.05 -21.01 17.46
N GLY C 110 25.36 -21.25 17.44
CA GLY C 110 26.30 -20.28 16.94
C GLY C 110 26.51 -20.25 15.45
N ASP C 111 25.85 -21.13 14.70
CA ASP C 111 26.08 -21.21 13.26
C ASP C 111 25.26 -20.18 12.48
N GLY C 112 24.42 -19.39 13.15
CA GLY C 112 23.65 -18.36 12.49
C GLY C 112 22.26 -18.77 12.06
N THR C 113 21.81 -19.96 12.43
CA THR C 113 20.47 -20.44 12.13
C THR C 113 19.65 -20.59 13.40
N GLY C 114 19.78 -19.61 14.30
CA GLY C 114 19.10 -19.66 15.58
C GLY C 114 18.90 -18.29 16.21
N GLY C 115 18.33 -18.28 17.41
CA GLY C 115 18.03 -17.03 18.09
C GLY C 115 16.54 -16.77 18.16
N LYS C 116 16.06 -16.29 19.30
CA LYS C 116 14.65 -16.05 19.51
C LYS C 116 14.46 -14.74 20.27
N SER C 117 13.25 -14.20 20.16
CA SER C 117 12.89 -12.94 20.81
C SER C 117 11.91 -13.23 21.96
N ILE C 118 11.41 -12.16 22.58
CA ILE C 118 10.42 -12.32 23.64
C ILE C 118 8.99 -12.41 23.10
N TYR C 119 8.76 -11.97 21.87
CA TYR C 119 7.45 -12.06 21.24
C TYR C 119 7.28 -13.35 20.45
N GLY C 120 7.53 -14.48 21.10
CA GLY C 120 7.45 -15.77 20.42
C GLY C 120 8.76 -16.10 19.70
N GLU C 121 8.71 -16.12 18.36
CA GLU C 121 9.89 -16.37 17.55
C GLU C 121 10.27 -15.15 16.72
N ARG C 122 9.36 -14.63 15.90
CA ARG C 122 9.63 -13.47 15.05
C ARG C 122 8.48 -12.48 15.15
N PHE C 123 8.79 -11.21 14.95
CA PHE C 123 7.80 -10.15 14.93
C PHE C 123 8.01 -9.26 13.71
N PRO C 124 6.96 -8.60 13.22
CA PRO C 124 7.06 -7.88 11.95
C PRO C 124 7.90 -6.61 12.07
N ASP C 125 8.34 -6.14 10.91
CA ASP C 125 9.05 -4.86 10.84
C ASP C 125 8.07 -3.72 11.12
N GLU C 126 8.55 -2.73 11.88
CA GLU C 126 7.66 -1.68 12.38
C GLU C 126 7.63 -0.45 11.48
N ASN C 127 8.77 0.22 11.34
CA ASN C 127 8.83 1.44 10.53
C ASN C 127 10.27 1.73 10.15
N PHE C 128 10.47 2.14 8.90
CA PHE C 128 11.79 2.50 8.38
C PHE C 128 11.97 4.00 8.37
N LYS C 129 11.94 4.61 9.57
CA LYS C 129 12.05 6.05 9.68
C LYS C 129 13.51 6.50 9.61
N LEU C 130 14.41 5.73 10.20
CA LEU C 130 15.82 6.08 10.23
C LEU C 130 16.60 5.25 9.22
N LYS C 131 17.62 5.86 8.64
CA LYS C 131 18.46 5.22 7.64
C LYS C 131 19.86 4.97 8.22
N HIS C 132 20.67 4.26 7.45
CA HIS C 132 22.04 3.93 7.84
C HIS C 132 22.92 5.12 7.45
N TYR C 133 23.03 6.08 8.36
CA TYR C 133 23.70 7.34 8.07
C TYR C 133 25.22 7.24 8.10
N GLY C 134 25.78 6.11 8.54
CA GLY C 134 27.21 5.95 8.57
C GLY C 134 27.66 4.88 9.54
N PRO C 135 28.90 4.98 10.00
CA PRO C 135 29.43 3.99 10.94
C PRO C 135 28.77 4.08 12.30
N GLY C 136 28.58 2.91 12.92
CA GLY C 136 28.09 2.87 14.28
C GLY C 136 26.59 2.95 14.44
N TRP C 137 25.83 2.63 13.39
CA TRP C 137 24.37 2.65 13.44
C TRP C 137 23.87 1.21 13.47
N VAL C 138 23.19 0.83 14.55
CA VAL C 138 22.74 -0.54 14.76
C VAL C 138 21.42 -0.76 14.03
N SER C 139 21.15 -2.02 13.66
CA SER C 139 19.91 -2.39 13.01
C SER C 139 19.54 -3.81 13.41
N MET C 140 18.44 -4.30 12.87
CA MET C 140 17.95 -5.64 13.15
C MET C 140 18.05 -6.49 11.90
N ALA C 141 18.91 -7.50 11.94
CA ALA C 141 19.12 -8.40 10.80
C ALA C 141 17.92 -9.33 10.65
N ASN C 142 17.36 -9.37 9.45
CA ASN C 142 16.22 -10.21 9.14
C ASN C 142 16.57 -11.15 7.99
N ALA C 143 15.80 -12.23 7.89
CA ALA C 143 16.00 -13.26 6.86
C ALA C 143 14.92 -13.20 5.79
N GLY C 144 14.37 -12.01 5.53
CA GLY C 144 13.32 -11.84 4.55
C GLY C 144 12.49 -10.60 4.83
N LYS C 145 11.17 -10.75 4.86
CA LYS C 145 10.27 -9.68 5.25
C LYS C 145 9.49 -10.11 6.48
N ASP C 146 9.45 -9.24 7.49
CA ASP C 146 8.75 -9.51 8.74
C ASP C 146 9.29 -10.79 9.41
N THR C 147 10.61 -10.87 9.55
CA THR C 147 11.26 -12.00 10.17
C THR C 147 12.32 -11.54 11.16
N ASN C 148 12.04 -10.43 11.85
CA ASN C 148 12.96 -9.94 12.86
C ASN C 148 13.13 -10.97 13.97
N GLY C 149 14.39 -11.21 14.35
CA GLY C 149 14.68 -12.17 15.39
C GLY C 149 15.37 -11.56 16.58
N SER C 150 16.62 -11.96 16.80
CA SER C 150 17.41 -11.42 17.91
C SER C 150 18.84 -11.08 17.48
N GLN C 151 19.10 -10.97 16.18
CA GLN C 151 20.43 -10.70 15.67
C GLN C 151 20.52 -9.28 15.15
N PHE C 152 21.49 -8.52 15.66
CA PHE C 152 21.77 -7.17 15.20
C PHE C 152 23.06 -7.15 14.40
N PHE C 153 23.41 -5.95 13.91
CA PHE C 153 24.69 -5.77 13.26
C PHE C 153 25.09 -4.30 13.36
N ILE C 154 26.35 -4.06 13.70
CA ILE C 154 26.89 -2.71 13.82
C ILE C 154 27.54 -2.34 12.49
N THR C 155 27.00 -1.32 11.83
CA THR C 155 27.51 -0.90 10.54
C THR C 155 28.80 -0.13 10.69
N THR C 156 29.65 -0.19 9.66
CA THR C 156 30.95 0.47 9.69
C THR C 156 31.15 1.46 8.55
N VAL C 157 30.40 1.32 7.44
CA VAL C 157 30.41 2.27 6.35
C VAL C 157 28.97 2.59 5.96
N LYS C 158 28.79 3.73 5.32
CA LYS C 158 27.45 4.16 4.95
C LYS C 158 26.87 3.22 3.91
N THR C 159 25.92 2.39 4.32
CA THR C 159 25.30 1.36 3.47
C THR C 159 23.90 1.85 3.13
N ALA C 160 23.79 2.61 2.04
CA ALA C 160 22.51 3.17 1.64
C ALA C 160 21.65 2.19 0.85
N TRP C 161 22.22 1.07 0.40
CA TRP C 161 21.43 0.08 -0.32
C TRP C 161 20.65 -0.84 0.60
N LEU C 162 20.84 -0.74 1.91
CA LEU C 162 20.07 -1.49 2.89
C LEU C 162 18.84 -0.76 3.37
N ASP C 163 18.63 0.47 2.92
CA ASP C 163 17.49 1.26 3.37
C ASP C 163 16.18 0.65 2.87
N GLY C 164 15.17 0.65 3.75
CA GLY C 164 13.89 0.09 3.42
C GLY C 164 13.77 -1.40 3.62
N LYS C 165 14.85 -2.08 3.99
CA LYS C 165 14.83 -3.51 4.25
C LYS C 165 15.05 -3.86 5.71
N HIS C 166 15.90 -3.10 6.41
CA HIS C 166 16.21 -3.36 7.81
C HIS C 166 15.80 -2.14 8.64
N VAL C 167 15.40 -2.41 9.88
CA VAL C 167 14.94 -1.38 10.80
C VAL C 167 16.11 -0.95 11.69
N VAL C 168 16.29 0.36 11.85
CA VAL C 168 17.39 0.93 12.62
C VAL C 168 16.84 1.43 13.94
N PHE C 169 17.51 1.08 15.05
CA PHE C 169 16.99 1.43 16.36
C PHE C 169 18.07 1.90 17.33
N GLY C 170 19.25 2.26 16.86
CA GLY C 170 20.29 2.63 17.80
C GLY C 170 21.44 3.36 17.15
N LYS C 171 22.42 3.69 17.98
CA LYS C 171 23.63 4.40 17.55
C LYS C 171 24.71 4.18 18.59
N VAL C 172 25.90 3.82 18.13
CA VAL C 172 27.03 3.52 19.02
C VAL C 172 27.57 4.85 19.55
N LEU C 173 27.20 5.19 20.79
CA LEU C 173 27.58 6.47 21.37
C LEU C 173 29.09 6.55 21.63
N GLU C 174 29.64 5.55 22.29
CA GLU C 174 31.05 5.53 22.66
C GLU C 174 31.66 4.18 22.28
N GLY C 175 32.95 4.05 22.55
CA GLY C 175 33.66 2.81 22.28
C GLY C 175 33.73 2.42 20.82
N MET C 176 33.83 3.40 19.92
CA MET C 176 33.99 3.09 18.50
C MET C 176 35.32 2.40 18.23
N GLU C 177 36.36 2.76 18.98
CA GLU C 177 37.67 2.13 18.80
C GLU C 177 37.63 0.64 19.14
N VAL C 178 36.78 0.25 20.10
CA VAL C 178 36.59 -1.16 20.40
C VAL C 178 36.01 -1.89 19.19
N VAL C 179 35.02 -1.27 18.54
CA VAL C 179 34.43 -1.85 17.34
C VAL C 179 35.48 -1.96 16.24
N ARG C 180 36.33 -0.94 16.11
CA ARG C 180 37.40 -1.00 15.12
C ARG C 180 38.38 -2.12 15.42
N LYS C 181 38.70 -2.32 16.69
CA LYS C 181 39.64 -3.37 17.08
C LYS C 181 39.06 -4.76 16.82
N VAL C 182 37.75 -4.94 17.06
CA VAL C 182 37.17 -6.26 16.87
C VAL C 182 36.89 -6.53 15.39
N GLU C 183 36.72 -5.47 14.59
CA GLU C 183 36.42 -5.67 13.17
C GLU C 183 37.60 -6.27 12.42
N SER C 184 38.82 -6.03 12.87
CA SER C 184 40.01 -6.36 12.09
C SER C 184 40.63 -7.70 12.43
N THR C 185 39.95 -8.53 13.24
CA THR C 185 40.50 -9.84 13.58
C THR C 185 40.52 -10.76 12.36
N LYS C 186 41.49 -11.68 12.36
CA LYS C 186 41.65 -12.61 11.25
C LYS C 186 40.46 -13.56 11.17
N THR C 187 40.09 -13.91 9.94
CA THR C 187 38.96 -14.77 9.69
C THR C 187 39.23 -15.68 8.49
N ASP C 188 38.52 -16.80 8.46
CA ASP C 188 38.60 -17.73 7.34
C ASP C 188 37.62 -17.31 6.25
N SER C 189 37.38 -18.19 5.28
CA SER C 189 36.56 -17.83 4.13
C SER C 189 35.08 -17.69 4.45
N ARG C 190 34.64 -18.20 5.60
CA ARG C 190 33.23 -18.16 5.98
C ARG C 190 32.90 -16.98 6.88
N ASP C 191 33.78 -15.98 6.95
CA ASP C 191 33.61 -14.74 7.71
C ASP C 191 33.61 -14.96 9.22
N LYS C 192 33.72 -16.20 9.67
CA LYS C 192 33.78 -16.49 11.10
C LYS C 192 35.16 -16.12 11.64
N PRO C 193 35.24 -15.48 12.81
CA PRO C 193 36.55 -15.16 13.37
C PRO C 193 37.25 -16.40 13.90
N LEU C 194 38.55 -16.51 13.63
CA LEU C 194 39.32 -17.63 14.15
C LEU C 194 39.40 -17.57 15.68
N LYS C 195 39.57 -16.37 16.23
CA LYS C 195 39.57 -16.18 17.68
C LYS C 195 38.19 -15.71 18.10
N ASP C 196 37.63 -16.37 19.11
CA ASP C 196 36.26 -16.09 19.53
C ASP C 196 36.16 -14.70 20.16
N VAL C 197 35.10 -13.99 19.81
CA VAL C 197 34.75 -12.70 20.42
C VAL C 197 33.51 -12.93 21.27
N ILE C 198 33.62 -12.68 22.56
CA ILE C 198 32.59 -13.05 23.54
C ILE C 198 32.07 -11.78 24.21
N ILE C 199 30.76 -11.65 24.26
CA ILE C 199 30.11 -10.58 25.03
C ILE C 199 30.10 -11.03 26.49
N ALA C 200 31.09 -10.56 27.26
CA ALA C 200 31.24 -11.05 28.63
C ALA C 200 30.06 -10.60 29.50
N ASP C 201 29.74 -9.32 29.50
CA ASP C 201 28.65 -8.78 30.31
C ASP C 201 27.77 -7.90 29.44
N CYS C 202 26.55 -7.64 29.93
CA CYS C 202 25.60 -6.79 29.23
C CYS C 202 24.59 -6.28 30.25
N GLY C 203 24.53 -4.95 30.42
CA GLY C 203 23.62 -4.36 31.37
C GLY C 203 22.72 -3.30 30.76
N LYS C 204 22.19 -2.41 31.58
CA LYS C 204 21.27 -1.38 31.12
C LYS C 204 21.45 -0.13 31.98
N ILE C 205 21.66 1.01 31.32
CA ILE C 205 21.81 2.30 31.99
C ILE C 205 20.56 3.13 31.70
N GLU C 206 19.91 3.60 32.76
CA GLU C 206 18.73 4.43 32.61
C GLU C 206 19.13 5.87 32.31
N VAL C 207 18.29 6.54 31.52
CA VAL C 207 18.51 7.93 31.12
C VAL C 207 17.38 8.77 31.71
N GLU C 208 17.75 9.83 32.43
CA GLU C 208 16.79 10.69 33.10
C GLU C 208 16.23 11.79 32.20
N LYS C 209 16.79 11.97 31.01
CA LYS C 209 16.31 13.01 30.11
C LYS C 209 16.58 12.63 28.66
N PRO C 210 15.55 12.40 27.87
CA PRO C 210 15.76 12.11 26.43
C PRO C 210 16.38 13.30 25.71
N PHE C 211 17.58 13.09 25.18
CA PHE C 211 18.29 14.11 24.43
C PHE C 211 18.50 13.65 23.00
N ALA C 212 18.49 14.61 22.07
CA ALA C 212 18.66 14.32 20.66
C ALA C 212 20.14 14.17 20.30
N ILE C 213 20.41 13.33 19.30
CA ILE C 213 21.75 13.15 18.77
C ILE C 213 21.70 13.36 17.26
N ALA C 214 22.74 14.00 16.73
CA ALA C 214 22.78 14.34 15.33
C ALA C 214 22.79 13.07 14.46
N LYS C 215 22.13 13.17 13.32
CA LYS C 215 22.01 12.04 12.39
C LYS C 215 23.21 12.05 11.44
N GLU C 216 24.37 11.72 11.99
CA GLU C 216 25.62 11.74 11.24
C GLU C 216 26.43 10.47 11.52
N ALA C 217 27.69 10.47 11.09
CA ALA C 217 28.55 9.30 11.26
C ALA C 217 28.94 9.14 12.72
N ALA C 218 29.70 8.09 13.00
CA ALA C 218 30.17 7.75 14.34
C ALA C 218 29.00 7.64 15.34
C1 NAG D . 3.12 -10.25 -29.12
C2 NAG D . 3.79 -9.91 -30.46
C3 NAG D . 3.00 -8.83 -31.19
C4 NAG D . 1.53 -9.24 -31.33
C5 NAG D . 0.97 -9.57 -29.95
C6 NAG D . -0.46 -10.09 -30.01
C7 NAG D . 6.19 -10.35 -30.17
C8 NAG D . 7.54 -9.74 -29.97
N2 NAG D . 5.17 -9.50 -30.26
O3 NAG D . 3.57 -8.63 -32.48
O4 NAG D . 0.79 -8.18 -31.89
O5 NAG D . 1.76 -10.62 -29.34
O6 NAG D . -1.39 -9.04 -29.79
O7 NAG D . 6.03 -11.56 -30.25
C1 NAG E . -48.41 -11.90 16.59
C2 NAG E . -49.54 -11.68 17.60
C3 NAG E . -49.55 -10.22 18.07
C4 NAG E . -48.17 -9.83 18.60
C5 NAG E . -47.09 -10.13 17.57
C6 NAG E . -45.70 -9.89 18.09
C7 NAG E . -51.87 -12.43 17.78
C8 NAG E . -53.12 -12.76 17.04
N2 NAG E . -50.83 -12.04 17.04
O3 NAG E . -50.53 -10.05 19.08
O4 NAG E . -48.15 -8.44 18.91
O5 NAG E . -47.16 -11.51 17.18
O6 NAG E . -44.85 -11.00 17.84
O7 NAG E . -51.80 -12.50 19.01
FE FE F . 8.57 -25.85 -6.48
C1 NAG G . -10.36 17.52 -20.86
C2 NAG G . -10.57 18.72 -21.78
C3 NAG G . -11.88 18.58 -22.56
C4 NAG G . -11.93 17.24 -23.28
C5 NAG G . -11.70 16.11 -22.30
C6 NAG G . -11.62 14.75 -22.97
C7 NAG G . -10.22 21.15 -21.57
C8 NAG G . -10.27 22.33 -20.64
N2 NAG G . -10.55 19.97 -21.03
O3 NAG G . -12.01 19.64 -23.49
O4 NAG G . -13.20 17.08 -23.91
O5 NAG G . -10.45 16.30 -21.62
O6 NAG G . -12.71 13.92 -22.62
O7 NAG G . -9.91 21.25 -22.74
C1 NAG H . -13.80 34.26 2.48
C2 NAG H . -15.02 33.59 3.12
C3 NAG H . -14.86 33.51 4.63
C4 NAG H . -14.59 34.89 5.24
C5 NAG H . -13.44 35.61 4.55
C6 NAG H . -12.07 35.08 4.93
C7 NAG H . -17.43 33.69 2.71
C8 NAG H . -18.59 34.56 2.33
N2 NAG H . -16.24 34.29 2.77
O3 NAG H . -13.83 32.59 4.97
O4 NAG H . -15.76 35.68 5.14
O5 NAG H . -13.53 35.55 3.11
O6 NAG H . -11.64 35.63 6.17
O7 NAG H . -17.57 32.49 2.95
#